data_2ACW
#
_entry.id   2ACW
#
_cell.length_a   53.523
_cell.length_b   90.662
_cell.length_c   101.581
_cell.angle_alpha   90.00
_cell.angle_beta   102.67
_cell.angle_gamma   90.00
#
_symmetry.space_group_name_H-M   'P 1 21 1'
#
loop_
_entity.id
_entity.type
_entity.pdbx_description
1 polymer 'triterpene UDP-glucosyl transferase UGT71G1'
2 non-polymer "URIDINE-5'-DIPHOSPHATE-GLUCOSE"
3 water water
#
_entity_poly.entity_id   1
_entity_poly.type   'polypeptide(L)'
_entity_poly.pdbx_seq_one_letter_code
;MSMSDINKNSELIFIPAPGIGHLASALEFAKLLTNHDKNLYITVFCIKFPGMPFADSYIKSVLASQPQIQLIDLPEVEPP
PQELLKSPEFYILTFLESLIPHVKATIKTILSNKVVGLVLDFFCVSMIDVGNEFGIPSYLFLTSNVGFLSLMLSLKNRQI
EEVFDDSDRDHQLLNIPGISNQVPSNVLPDACFNKDGGYIAYYKLAERFRDTKGIIVNTFSDLEQSSIDALYDHDEKIPP
IYAVGPLLDLKGQPNPKLDQAQHDLILKWLDEQPDKSVVFLCFGSMGVSFGPSQIREIALGLKHSGVRFLWSNSAEKKVF
PEGFLEWMELEGKGMICGWAPQVEVLAHKAIGGFVSHCGWNSILESMWFGVPILTWPIYAEQQLNAFRLVKEWGVGLGLR
VDYRKGSDVVAAEEIEKGLKDLMDKDSIVHKKVQEMKEMSRNAVVDGGSSLISVGKLIDDITGSN
;
_entity_poly.pdbx_strand_id   A,B
#
# COMPACT_ATOMS: atom_id res chain seq x y z
N MET A 3 -67.44 2.32 1.79
CA MET A 3 -68.18 1.87 3.01
C MET A 3 -67.38 0.82 3.79
N SER A 4 -67.82 0.55 5.01
CA SER A 4 -67.19 -0.43 5.89
C SER A 4 -65.68 -0.31 6.01
N ASP A 5 -65.14 0.88 5.78
CA ASP A 5 -63.70 1.12 5.87
C ASP A 5 -62.94 0.44 4.73
N ILE A 6 -63.68 -0.19 3.83
CA ILE A 6 -63.10 -0.87 2.68
C ILE A 6 -62.30 0.13 1.85
N ASN A 7 -62.84 1.34 1.72
CA ASN A 7 -62.22 2.40 0.94
C ASN A 7 -60.85 2.81 1.49
N LYS A 8 -60.66 2.71 2.80
CA LYS A 8 -59.39 3.11 3.42
C LYS A 8 -58.24 2.10 3.34
N ASN A 9 -58.53 0.81 3.54
CA ASN A 9 -57.49 -0.22 3.47
C ASN A 9 -56.55 0.00 2.28
N SER A 10 -55.28 -0.34 2.46
CA SER A 10 -54.26 -0.20 1.43
C SER A 10 -53.19 -1.24 1.71
N GLU A 11 -52.44 -1.64 0.69
CA GLU A 11 -51.40 -2.64 0.85
C GLU A 11 -50.13 -2.27 0.08
N LEU A 12 -48.97 -2.57 0.66
CA LEU A 12 -47.69 -2.29 0.02
C LEU A 12 -46.85 -3.54 -0.03
N ILE A 13 -46.06 -3.68 -1.09
CA ILE A 13 -45.19 -4.84 -1.22
C ILE A 13 -43.75 -4.39 -1.00
N PHE A 14 -43.10 -4.98 -0.01
CA PHE A 14 -41.72 -4.66 0.35
C PHE A 14 -40.74 -5.70 -0.18
N ILE A 15 -39.82 -5.26 -1.02
CA ILE A 15 -38.80 -6.16 -1.55
C ILE A 15 -37.47 -5.46 -1.31
N PRO A 16 -36.87 -5.71 -0.14
CA PRO A 16 -35.60 -5.15 0.28
C PRO A 16 -34.42 -5.99 -0.20
N ALA A 17 -33.21 -5.54 0.08
CA ALA A 17 -32.01 -6.29 -0.31
C ALA A 17 -31.55 -7.16 0.87
N PRO A 18 -30.89 -8.28 0.58
CA PRO A 18 -30.39 -9.22 1.61
C PRO A 18 -29.50 -8.61 2.70
N GLY A 19 -29.42 -9.31 3.83
CA GLY A 19 -28.58 -8.90 4.94
C GLY A 19 -28.85 -7.60 5.68
N ILE A 20 -28.57 -7.60 6.98
CA ILE A 20 -28.74 -6.43 7.83
C ILE A 20 -28.07 -5.25 7.13
N GLY A 21 -28.28 -4.05 7.61
CA GLY A 21 -27.68 -2.90 6.97
C GLY A 21 -28.60 -2.46 5.84
N HIS A 22 -29.32 -3.44 5.29
CA HIS A 22 -30.28 -3.21 4.22
C HIS A 22 -31.67 -3.68 4.64
N LEU A 23 -31.71 -4.78 5.40
CA LEU A 23 -32.95 -5.38 5.88
C LEU A 23 -33.50 -4.68 7.12
N ALA A 24 -32.62 -4.40 8.08
CA ALA A 24 -33.04 -3.76 9.32
C ALA A 24 -33.77 -2.44 9.03
N SER A 25 -33.24 -1.64 8.12
CA SER A 25 -33.86 -0.36 7.74
C SER A 25 -35.23 -0.58 7.09
N ALA A 26 -35.35 -1.68 6.36
CA ALA A 26 -36.60 -2.02 5.68
C ALA A 26 -37.73 -2.32 6.68
N LEU A 27 -37.45 -3.16 7.68
CA LEU A 27 -38.50 -3.47 8.65
C LEU A 27 -38.87 -2.27 9.49
N GLU A 28 -37.88 -1.53 9.99
CA GLU A 28 -38.18 -0.37 10.79
C GLU A 28 -39.01 0.62 10.00
N PHE A 29 -38.85 0.64 8.68
CA PHE A 29 -39.65 1.55 7.87
C PHE A 29 -41.07 1.01 7.80
N ALA A 30 -41.20 -0.30 7.63
CA ALA A 30 -42.51 -0.93 7.58
C ALA A 30 -43.30 -0.59 8.85
N LYS A 31 -42.63 -0.65 10.00
CA LYS A 31 -43.28 -0.34 11.27
C LYS A 31 -43.67 1.14 11.37
N LEU A 32 -42.77 2.02 10.96
CA LEU A 32 -43.05 3.46 11.02
C LEU A 32 -44.33 3.75 10.28
N LEU A 33 -44.44 3.20 9.07
CA LEU A 33 -45.62 3.37 8.22
C LEU A 33 -46.87 2.77 8.86
N THR A 34 -46.82 1.46 9.13
CA THR A 34 -47.94 0.74 9.73
C THR A 34 -48.37 1.38 11.05
N ASN A 35 -47.43 2.03 11.74
CA ASN A 35 -47.71 2.72 13.01
C ASN A 35 -48.47 4.01 12.78
N HIS A 36 -48.40 4.53 11.55
CA HIS A 36 -49.06 5.79 11.22
C HIS A 36 -50.28 5.69 10.30
N ASP A 37 -50.71 4.46 10.05
CA ASP A 37 -51.92 4.19 9.27
C ASP A 37 -52.40 2.81 9.66
N LYS A 38 -53.33 2.77 10.60
CA LYS A 38 -53.87 1.51 11.10
C LYS A 38 -54.55 0.68 10.02
N ASN A 39 -54.65 1.22 8.82
CA ASN A 39 -55.29 0.50 7.72
C ASN A 39 -54.37 0.16 6.55
N LEU A 40 -53.10 0.49 6.71
CA LEU A 40 -52.12 0.19 5.68
C LEU A 40 -51.49 -1.14 6.05
N TYR A 41 -51.48 -2.08 5.13
CA TYR A 41 -50.87 -3.38 5.41
C TYR A 41 -49.66 -3.59 4.53
N ILE A 42 -48.61 -4.17 5.11
CA ILE A 42 -47.40 -4.39 4.34
C ILE A 42 -47.05 -5.85 4.25
N THR A 43 -46.58 -6.26 3.08
CA THR A 43 -46.16 -7.63 2.86
C THR A 43 -44.70 -7.53 2.42
N VAL A 44 -43.83 -8.18 3.20
CA VAL A 44 -42.40 -8.14 2.94
C VAL A 44 -41.91 -9.42 2.27
N PHE A 45 -41.30 -9.29 1.10
CA PHE A 45 -40.74 -10.45 0.40
C PHE A 45 -39.35 -10.72 0.98
N CYS A 46 -39.21 -11.89 1.60
CA CYS A 46 -37.95 -12.27 2.21
C CYS A 46 -37.02 -12.91 1.18
N ILE A 47 -36.13 -12.09 0.64
CA ILE A 47 -35.16 -12.51 -0.35
C ILE A 47 -34.20 -13.49 0.33
N LYS A 48 -34.56 -14.76 0.32
CA LYS A 48 -33.76 -15.82 0.96
C LYS A 48 -32.38 -16.00 0.32
N PHE A 49 -31.44 -15.16 0.72
CA PHE A 49 -30.08 -15.20 0.18
C PHE A 49 -29.43 -16.55 0.42
N PRO A 50 -28.90 -17.18 -0.64
CA PRO A 50 -28.25 -18.49 -0.55
C PRO A 50 -26.77 -18.31 -0.17
N GLY A 51 -26.45 -18.62 1.08
CA GLY A 51 -25.09 -18.47 1.54
C GLY A 51 -24.94 -17.30 2.49
N MET A 52 -26.02 -16.99 3.21
CA MET A 52 -26.02 -15.88 4.16
C MET A 52 -26.89 -16.24 5.36
N PRO A 53 -26.41 -15.94 6.58
CA PRO A 53 -27.11 -16.21 7.84
C PRO A 53 -28.55 -15.69 7.92
N PHE A 54 -28.70 -14.37 7.96
CA PHE A 54 -30.00 -13.71 8.07
C PHE A 54 -31.18 -14.46 7.46
N ALA A 55 -31.73 -15.38 8.24
CA ALA A 55 -32.88 -16.17 7.80
C ALA A 55 -34.13 -15.56 8.41
N ASP A 56 -35.23 -16.32 8.39
CA ASP A 56 -36.49 -15.82 8.95
C ASP A 56 -36.39 -15.68 10.47
N SER A 57 -35.27 -16.10 11.04
CA SER A 57 -35.06 -16.01 12.47
C SER A 57 -34.89 -14.55 12.89
N TYR A 58 -34.07 -13.82 12.14
CA TYR A 58 -33.81 -12.40 12.42
C TYR A 58 -35.08 -11.58 12.29
N ILE A 59 -35.62 -11.51 11.08
CA ILE A 59 -36.83 -10.75 10.80
C ILE A 59 -38.00 -11.08 11.74
N LYS A 60 -38.52 -12.31 11.66
CA LYS A 60 -39.65 -12.71 12.49
C LYS A 60 -39.53 -12.34 13.97
N SER A 61 -38.39 -11.78 14.34
CA SER A 61 -38.17 -11.33 15.73
C SER A 61 -38.78 -9.94 15.85
N VAL A 62 -38.49 -9.09 14.86
CA VAL A 62 -39.00 -7.72 14.83
C VAL A 62 -40.46 -7.67 14.39
N LEU A 63 -40.78 -8.48 13.38
CA LEU A 63 -42.15 -8.53 12.85
C LEU A 63 -43.05 -9.43 13.71
N ALA A 64 -42.66 -9.60 14.96
CA ALA A 64 -43.44 -10.42 15.89
C ALA A 64 -44.45 -9.51 16.57
N SER A 65 -45.73 -9.82 16.38
CA SER A 65 -46.82 -9.05 16.95
C SER A 65 -47.12 -7.79 16.13
N GLN A 66 -46.90 -7.89 14.82
CA GLN A 66 -47.16 -6.76 13.92
C GLN A 66 -48.24 -7.22 12.94
N PRO A 67 -49.51 -7.24 13.39
CA PRO A 67 -50.69 -7.64 12.63
C PRO A 67 -50.82 -7.06 11.22
N GLN A 68 -50.12 -5.97 10.96
CA GLN A 68 -50.21 -5.34 9.65
C GLN A 68 -49.06 -5.72 8.72
N ILE A 69 -48.13 -6.50 9.24
CA ILE A 69 -46.95 -6.90 8.47
C ILE A 69 -46.80 -8.42 8.38
N GLN A 70 -46.70 -8.95 7.17
CA GLN A 70 -46.48 -10.38 7.03
C GLN A 70 -45.27 -10.65 6.16
N LEU A 71 -44.61 -11.77 6.43
CA LEU A 71 -43.42 -12.16 5.67
C LEU A 71 -43.74 -13.30 4.72
N ILE A 72 -43.19 -13.22 3.51
CA ILE A 72 -43.40 -14.26 2.52
C ILE A 72 -42.04 -14.64 1.93
N ASP A 73 -41.67 -15.91 2.06
CA ASP A 73 -40.39 -16.40 1.54
C ASP A 73 -40.45 -16.67 0.05
N LEU A 74 -39.28 -16.72 -0.60
CA LEU A 74 -39.25 -17.00 -2.03
C LEU A 74 -38.34 -18.18 -2.31
N PRO A 75 -38.72 -19.03 -3.27
CA PRO A 75 -37.93 -20.20 -3.64
C PRO A 75 -36.44 -19.86 -3.75
N GLU A 76 -35.66 -20.40 -2.82
CA GLU A 76 -34.23 -20.15 -2.78
C GLU A 76 -33.58 -20.61 -4.08
N VAL A 77 -33.41 -19.67 -5.01
CA VAL A 77 -32.80 -19.95 -6.31
C VAL A 77 -31.28 -19.99 -6.21
N GLU A 78 -30.66 -20.86 -7.00
CA GLU A 78 -29.20 -20.99 -6.99
C GLU A 78 -28.54 -19.65 -7.33
N PRO A 79 -27.68 -19.16 -6.43
CA PRO A 79 -26.98 -17.88 -6.63
C PRO A 79 -26.17 -17.85 -7.93
N PRO A 80 -25.81 -16.64 -8.40
CA PRO A 80 -25.03 -16.50 -9.62
C PRO A 80 -23.60 -17.00 -9.38
N PRO A 81 -22.78 -17.06 -10.44
CA PRO A 81 -21.40 -17.52 -10.30
C PRO A 81 -20.51 -16.66 -9.40
N GLN A 82 -19.90 -17.31 -8.42
CA GLN A 82 -19.01 -16.68 -7.46
C GLN A 82 -17.88 -15.94 -8.17
N GLU A 83 -17.69 -16.23 -9.45
CA GLU A 83 -16.65 -15.60 -10.24
C GLU A 83 -17.08 -14.26 -10.82
N LEU A 84 -18.32 -13.88 -10.56
CA LEU A 84 -18.83 -12.58 -11.02
C LEU A 84 -18.73 -11.66 -9.82
N LEU A 85 -18.29 -12.25 -8.71
CA LEU A 85 -18.09 -11.54 -7.44
C LEU A 85 -16.89 -10.60 -7.58
N LYS A 86 -16.42 -10.43 -8.81
CA LYS A 86 -15.28 -9.54 -9.09
C LYS A 86 -15.68 -8.13 -8.71
N SER A 87 -16.97 -7.93 -8.50
CA SER A 87 -17.55 -6.65 -8.12
C SER A 87 -18.85 -6.98 -7.39
N PRO A 88 -18.84 -6.90 -6.05
CA PRO A 88 -20.03 -7.19 -5.22
C PRO A 88 -21.31 -6.63 -5.84
N GLU A 89 -21.30 -5.33 -6.08
CA GLU A 89 -22.42 -4.64 -6.68
C GLU A 89 -23.03 -5.43 -7.83
N PHE A 90 -22.21 -5.75 -8.84
CA PHE A 90 -22.71 -6.51 -9.99
C PHE A 90 -23.20 -7.91 -9.62
N TYR A 91 -22.53 -8.55 -8.68
CA TYR A 91 -22.91 -9.88 -8.23
C TYR A 91 -24.35 -9.85 -7.68
N ILE A 92 -24.68 -8.80 -6.91
CA ILE A 92 -26.02 -8.69 -6.34
C ILE A 92 -27.09 -8.37 -7.38
N LEU A 93 -26.85 -7.36 -8.23
CA LEU A 93 -27.82 -7.00 -9.26
C LEU A 93 -28.21 -8.22 -10.10
N THR A 94 -27.22 -9.05 -10.40
CA THR A 94 -27.44 -10.26 -11.19
C THR A 94 -28.31 -11.25 -10.42
N PHE A 95 -28.08 -11.31 -9.11
CA PHE A 95 -28.86 -12.18 -8.25
C PHE A 95 -30.32 -11.74 -8.17
N LEU A 96 -30.54 -10.56 -7.60
CA LEU A 96 -31.89 -10.02 -7.45
C LEU A 96 -32.71 -10.15 -8.74
N GLU A 97 -32.05 -10.07 -9.88
CA GLU A 97 -32.72 -10.18 -11.17
C GLU A 97 -33.10 -11.61 -11.55
N SER A 98 -32.43 -12.59 -10.94
CA SER A 98 -32.71 -13.99 -11.21
C SER A 98 -33.92 -14.43 -10.39
N LEU A 99 -34.37 -13.52 -9.53
CA LEU A 99 -35.51 -13.77 -8.67
C LEU A 99 -36.80 -13.19 -9.22
N ILE A 100 -36.67 -12.31 -10.21
CA ILE A 100 -37.83 -11.69 -10.82
C ILE A 100 -38.95 -12.71 -11.07
N PRO A 101 -38.63 -13.83 -11.77
CA PRO A 101 -39.65 -14.83 -12.03
C PRO A 101 -40.42 -15.18 -10.76
N HIS A 102 -39.71 -15.25 -9.64
CA HIS A 102 -40.32 -15.58 -8.35
C HIS A 102 -41.06 -14.37 -7.74
N VAL A 103 -40.56 -13.18 -8.01
CA VAL A 103 -41.19 -11.95 -7.52
C VAL A 103 -42.51 -11.82 -8.25
N LYS A 104 -42.45 -11.90 -9.58
CA LYS A 104 -43.67 -11.80 -10.38
C LYS A 104 -44.65 -12.92 -10.00
N ALA A 105 -44.14 -14.11 -9.71
CA ALA A 105 -44.98 -15.23 -9.33
C ALA A 105 -45.68 -14.96 -8.00
N THR A 106 -44.89 -14.67 -6.97
CA THR A 106 -45.41 -14.40 -5.63
C THR A 106 -46.42 -13.25 -5.67
N ILE A 107 -46.06 -12.18 -6.37
CA ILE A 107 -46.94 -11.02 -6.54
C ILE A 107 -48.34 -11.46 -7.00
N LYS A 108 -48.38 -12.27 -8.05
CA LYS A 108 -49.64 -12.77 -8.60
C LYS A 108 -50.50 -13.45 -7.52
N THR A 109 -49.86 -14.31 -6.72
CA THR A 109 -50.53 -15.05 -5.66
C THR A 109 -51.16 -14.19 -4.56
N ILE A 110 -50.56 -13.04 -4.26
CA ILE A 110 -51.10 -12.19 -3.20
C ILE A 110 -51.56 -10.82 -3.70
N LEU A 111 -51.75 -10.69 -5.00
CA LEU A 111 -52.19 -9.41 -5.54
C LEU A 111 -53.68 -9.13 -5.30
N SER A 112 -54.03 -7.85 -5.22
CA SER A 112 -55.42 -7.44 -5.03
C SER A 112 -55.46 -5.99 -5.43
N ASN A 113 -56.63 -5.36 -5.41
CA ASN A 113 -56.72 -3.96 -5.81
C ASN A 113 -56.43 -3.02 -4.64
N LYS A 114 -56.00 -3.58 -3.51
CA LYS A 114 -55.66 -2.77 -2.35
C LYS A 114 -54.21 -2.33 -2.56
N VAL A 115 -53.44 -3.20 -3.22
CA VAL A 115 -52.02 -2.95 -3.50
C VAL A 115 -51.78 -1.61 -4.18
N VAL A 116 -51.33 -0.64 -3.41
CA VAL A 116 -51.08 0.69 -3.95
C VAL A 116 -49.64 0.92 -4.32
N GLY A 117 -48.78 -0.07 -4.14
CA GLY A 117 -47.39 0.14 -4.51
C GLY A 117 -46.33 -0.86 -4.11
N LEU A 118 -45.17 -0.70 -4.74
CA LEU A 118 -44.00 -1.54 -4.51
C LEU A 118 -42.92 -0.67 -3.87
N VAL A 119 -42.40 -1.08 -2.73
CA VAL A 119 -41.33 -0.33 -2.09
C VAL A 119 -40.09 -1.23 -2.18
N LEU A 120 -39.21 -0.87 -3.10
CA LEU A 120 -37.98 -1.60 -3.40
C LEU A 120 -36.67 -0.98 -2.88
N ASP A 121 -35.70 -1.83 -2.64
CA ASP A 121 -34.37 -1.42 -2.19
C ASP A 121 -33.60 -0.92 -3.41
N PHE A 122 -32.67 -0.01 -3.16
CA PHE A 122 -31.82 0.56 -4.20
C PHE A 122 -31.35 -0.48 -5.21
N PHE A 123 -30.87 -1.62 -4.73
CA PHE A 123 -30.39 -2.69 -5.59
C PHE A 123 -31.51 -3.46 -6.30
N CYS A 124 -32.76 -3.20 -5.90
CA CYS A 124 -33.89 -3.90 -6.50
C CYS A 124 -34.73 -3.06 -7.48
N VAL A 125 -34.20 -1.91 -7.89
CA VAL A 125 -34.92 -1.04 -8.82
C VAL A 125 -35.29 -1.74 -10.13
N SER A 126 -34.76 -2.93 -10.36
CA SER A 126 -35.05 -3.66 -11.58
C SER A 126 -36.44 -4.27 -11.50
N MET A 127 -37.08 -4.16 -10.33
CA MET A 127 -38.42 -4.72 -10.16
C MET A 127 -39.47 -3.75 -10.69
N ILE A 128 -39.10 -2.48 -10.81
CA ILE A 128 -40.03 -1.45 -11.29
C ILE A 128 -40.88 -2.00 -12.43
N ASP A 129 -40.23 -2.69 -13.36
CA ASP A 129 -40.95 -3.25 -14.51
C ASP A 129 -41.98 -4.30 -14.10
N VAL A 130 -41.62 -5.21 -13.20
CA VAL A 130 -42.57 -6.22 -12.74
C VAL A 130 -43.73 -5.46 -12.11
N GLY A 131 -43.42 -4.32 -11.51
CA GLY A 131 -44.46 -3.53 -10.88
C GLY A 131 -45.43 -3.04 -11.93
N ASN A 132 -44.89 -2.57 -13.05
CA ASN A 132 -45.69 -2.07 -14.14
C ASN A 132 -46.52 -3.19 -14.78
N GLU A 133 -46.00 -4.41 -14.76
CA GLU A 133 -46.74 -5.54 -15.34
C GLU A 133 -48.04 -5.78 -14.58
N PHE A 134 -48.23 -5.06 -13.48
CA PHE A 134 -49.44 -5.20 -12.68
C PHE A 134 -50.07 -3.84 -12.42
N GLY A 135 -49.53 -2.79 -13.05
CA GLY A 135 -50.05 -1.45 -12.87
C GLY A 135 -49.71 -0.90 -11.49
N ILE A 136 -48.74 -1.52 -10.83
CA ILE A 136 -48.31 -1.11 -9.49
C ILE A 136 -47.10 -0.17 -9.58
N PRO A 137 -47.23 1.06 -9.08
CA PRO A 137 -46.08 1.96 -9.16
C PRO A 137 -45.03 1.53 -8.13
N SER A 138 -43.77 1.90 -8.36
CA SER A 138 -42.70 1.52 -7.46
C SER A 138 -42.13 2.66 -6.67
N TYR A 139 -41.82 2.36 -5.42
CA TYR A 139 -41.26 3.32 -4.49
C TYR A 139 -39.87 2.85 -4.08
N LEU A 140 -38.90 3.75 -4.25
CA LEU A 140 -37.52 3.46 -3.90
C LEU A 140 -37.19 3.79 -2.44
N PHE A 141 -36.73 2.79 -1.70
CA PHE A 141 -36.33 2.99 -0.31
C PHE A 141 -34.80 2.90 -0.26
N LEU A 142 -34.17 4.05 -0.11
CA LEU A 142 -32.70 4.16 -0.06
C LEU A 142 -32.15 4.07 1.36
N THR A 143 -31.47 2.96 1.66
CA THR A 143 -30.88 2.73 2.99
C THR A 143 -29.65 3.59 3.21
N SER A 144 -29.26 4.35 2.19
CA SER A 144 -28.09 5.23 2.32
C SER A 144 -28.63 6.64 2.44
N ASN A 145 -27.77 7.65 2.28
CA ASN A 145 -28.23 9.03 2.41
C ASN A 145 -28.39 9.80 1.09
N VAL A 146 -28.83 11.05 1.19
CA VAL A 146 -29.05 11.92 0.03
C VAL A 146 -27.75 12.23 -0.68
N GLY A 147 -26.63 12.05 0.01
CA GLY A 147 -25.34 12.28 -0.60
C GLY A 147 -25.17 11.20 -1.64
N PHE A 148 -25.39 9.96 -1.26
CA PHE A 148 -25.25 8.85 -2.19
C PHE A 148 -26.21 9.00 -3.37
N LEU A 149 -27.41 9.51 -3.09
CA LEU A 149 -28.41 9.73 -4.13
C LEU A 149 -27.83 10.69 -5.15
N SER A 150 -27.28 11.79 -4.66
CA SER A 150 -26.68 12.83 -5.49
C SER A 150 -25.63 12.31 -6.47
N LEU A 151 -24.77 11.41 -6.01
CA LEU A 151 -23.75 10.80 -6.87
C LEU A 151 -24.45 9.92 -7.90
N MET A 152 -25.28 9.02 -7.40
CA MET A 152 -26.04 8.10 -8.24
C MET A 152 -26.78 8.79 -9.38
N LEU A 153 -27.46 9.89 -9.06
CA LEU A 153 -28.22 10.62 -10.05
C LEU A 153 -27.33 11.40 -11.02
N SER A 154 -26.06 11.59 -10.64
CA SER A 154 -25.12 12.32 -11.48
C SER A 154 -24.48 11.41 -12.53
N LEU A 155 -24.79 10.12 -12.46
CA LEU A 155 -24.24 9.17 -13.41
C LEU A 155 -24.83 9.32 -14.81
N LYS A 156 -26.01 9.94 -14.89
CA LYS A 156 -26.67 10.13 -16.18
C LYS A 156 -25.93 11.16 -17.04
N ASN A 157 -24.87 11.73 -16.48
CA ASN A 157 -24.07 12.72 -17.20
C ASN A 157 -22.86 12.04 -17.84
N ARG A 158 -23.00 10.75 -18.14
CA ARG A 158 -21.94 9.96 -18.77
C ARG A 158 -22.45 8.55 -19.11
N GLN A 159 -22.14 8.07 -20.31
CA GLN A 159 -22.59 6.76 -20.77
C GLN A 159 -22.23 5.57 -19.87
N ILE A 160 -22.82 4.42 -20.16
CA ILE A 160 -22.59 3.20 -19.40
C ILE A 160 -21.32 2.47 -19.84
N GLU A 161 -20.21 3.21 -19.88
CA GLU A 161 -18.94 2.64 -20.29
C GLU A 161 -17.76 3.55 -19.96
N GLU A 162 -17.99 4.86 -20.03
CA GLU A 162 -16.92 5.80 -19.70
C GLU A 162 -16.76 5.80 -18.19
N VAL A 163 -16.21 4.70 -17.68
CA VAL A 163 -15.98 4.52 -16.25
C VAL A 163 -15.01 5.57 -15.70
N PHE A 164 -15.23 5.96 -14.45
CA PHE A 164 -14.38 6.95 -13.80
C PHE A 164 -12.92 6.54 -13.93
N ASP A 165 -12.07 7.50 -14.30
CA ASP A 165 -10.64 7.25 -14.49
C ASP A 165 -10.02 6.55 -13.27
N ASP A 166 -9.58 5.32 -13.47
CA ASP A 166 -8.97 4.54 -12.40
C ASP A 166 -7.45 4.74 -12.40
N SER A 167 -7.02 5.97 -12.16
CA SER A 167 -5.61 6.32 -12.14
C SER A 167 -5.46 7.77 -11.69
N ASP A 168 -6.41 8.61 -12.10
CA ASP A 168 -6.41 10.02 -11.74
C ASP A 168 -7.50 10.30 -10.72
N ARG A 169 -7.21 10.03 -9.46
CA ARG A 169 -8.16 10.26 -8.37
C ARG A 169 -7.62 11.31 -7.41
N ASP A 170 -6.46 11.86 -7.74
CA ASP A 170 -5.81 12.88 -6.91
C ASP A 170 -6.62 14.17 -6.86
N HIS A 171 -5.96 15.28 -7.15
CA HIS A 171 -6.61 16.59 -7.13
C HIS A 171 -7.61 16.70 -8.27
N GLN A 172 -8.11 15.56 -8.72
CA GLN A 172 -9.10 15.52 -9.79
C GLN A 172 -10.47 15.56 -9.12
N LEU A 173 -10.77 16.71 -8.50
CA LEU A 173 -12.03 16.90 -7.82
C LEU A 173 -13.21 16.80 -8.77
N LEU A 174 -14.33 16.32 -8.24
CA LEU A 174 -15.56 16.16 -9.00
C LEU A 174 -16.69 16.88 -8.27
N ASN A 175 -17.41 17.74 -8.99
CA ASN A 175 -18.53 18.45 -8.40
C ASN A 175 -19.80 17.63 -8.61
N ILE A 176 -20.45 17.24 -7.52
CA ILE A 176 -21.68 16.44 -7.60
C ILE A 176 -22.88 17.21 -7.03
N PRO A 177 -23.92 17.44 -7.86
CA PRO A 177 -25.12 18.15 -7.40
C PRO A 177 -25.71 17.39 -6.22
N GLY A 178 -26.07 18.12 -5.17
CA GLY A 178 -26.63 17.51 -3.99
C GLY A 178 -25.56 17.53 -2.91
N ILE A 179 -24.32 17.29 -3.32
CA ILE A 179 -23.21 17.30 -2.39
C ILE A 179 -22.63 18.71 -2.39
N SER A 180 -22.70 19.38 -1.25
CA SER A 180 -22.22 20.74 -1.07
C SER A 180 -20.73 20.91 -1.32
N ASN A 181 -19.92 20.18 -0.56
CA ASN A 181 -18.46 20.25 -0.69
C ASN A 181 -18.00 19.73 -2.05
N GLN A 182 -16.82 20.17 -2.47
CA GLN A 182 -16.26 19.74 -3.74
C GLN A 182 -15.68 18.35 -3.53
N VAL A 183 -16.50 17.32 -3.73
CA VAL A 183 -16.10 15.94 -3.53
C VAL A 183 -14.92 15.43 -4.34
N PRO A 184 -13.93 14.83 -3.65
CA PRO A 184 -12.73 14.27 -4.29
C PRO A 184 -13.11 12.99 -5.04
N SER A 185 -12.18 12.44 -5.79
CA SER A 185 -12.45 11.22 -6.53
C SER A 185 -12.00 10.03 -5.72
N ASN A 186 -11.01 10.24 -4.85
CA ASN A 186 -10.49 9.16 -4.02
C ASN A 186 -11.53 8.70 -3.01
N VAL A 187 -12.61 9.47 -2.89
CA VAL A 187 -13.67 9.11 -1.95
C VAL A 187 -14.88 8.51 -2.66
N LEU A 188 -14.81 8.43 -3.98
CA LEU A 188 -15.90 7.84 -4.75
C LEU A 188 -15.88 6.34 -4.50
N PRO A 189 -17.05 5.70 -4.41
CA PRO A 189 -17.13 4.25 -4.17
C PRO A 189 -16.35 3.41 -5.18
N ASP A 190 -15.91 2.22 -4.76
CA ASP A 190 -15.16 1.34 -5.65
C ASP A 190 -15.90 1.09 -6.96
N ALA A 191 -17.19 0.75 -6.84
CA ALA A 191 -18.02 0.45 -8.00
C ALA A 191 -17.85 1.50 -9.10
N CYS A 192 -17.54 2.73 -8.71
CA CYS A 192 -17.36 3.80 -9.69
C CYS A 192 -16.10 3.57 -10.53
N PHE A 193 -15.17 2.77 -9.99
CA PHE A 193 -13.92 2.49 -10.68
C PHE A 193 -13.84 1.04 -11.13
N ASN A 194 -14.73 0.19 -10.61
CA ASN A 194 -14.73 -1.23 -10.99
C ASN A 194 -15.11 -1.35 -12.48
N LYS A 195 -14.22 -1.96 -13.25
CA LYS A 195 -14.46 -2.12 -14.69
C LYS A 195 -14.93 -3.53 -15.03
N ASP A 196 -15.39 -4.27 -14.03
CA ASP A 196 -15.87 -5.63 -14.22
C ASP A 196 -17.27 -5.84 -13.63
N GLY A 197 -18.21 -5.01 -14.06
CA GLY A 197 -19.58 -5.10 -13.58
C GLY A 197 -19.92 -4.06 -12.53
N GLY A 198 -18.90 -3.38 -12.03
CA GLY A 198 -19.10 -2.38 -11.01
C GLY A 198 -19.79 -1.12 -11.51
N TYR A 199 -19.08 -0.36 -12.33
CA TYR A 199 -19.63 0.87 -12.88
C TYR A 199 -20.95 0.60 -13.60
N ILE A 200 -21.05 -0.58 -14.20
CA ILE A 200 -22.25 -0.97 -14.91
C ILE A 200 -23.44 -1.04 -13.96
N ALA A 201 -23.32 -1.82 -12.88
CA ALA A 201 -24.39 -1.94 -11.90
C ALA A 201 -24.85 -0.57 -11.44
N TYR A 202 -23.94 0.19 -10.85
CA TYR A 202 -24.26 1.53 -10.37
C TYR A 202 -24.99 2.34 -11.42
N TYR A 203 -24.90 1.89 -12.68
CA TYR A 203 -25.54 2.59 -13.78
C TYR A 203 -26.90 1.98 -14.08
N LYS A 204 -26.91 0.67 -14.33
CA LYS A 204 -28.16 -0.04 -14.63
C LYS A 204 -29.18 0.18 -13.50
N LEU A 205 -28.69 0.35 -12.27
CA LEU A 205 -29.56 0.61 -11.14
C LEU A 205 -29.97 2.07 -11.10
N ALA A 206 -28.99 2.97 -11.05
CA ALA A 206 -29.28 4.41 -11.00
C ALA A 206 -30.18 4.88 -12.15
N GLU A 207 -29.94 4.34 -13.34
CA GLU A 207 -30.72 4.70 -14.52
C GLU A 207 -32.23 4.63 -14.22
N ARG A 208 -32.63 3.69 -13.37
CA ARG A 208 -34.03 3.51 -13.02
C ARG A 208 -34.57 4.40 -11.87
N PHE A 209 -33.68 5.10 -11.17
CA PHE A 209 -34.12 5.96 -10.07
C PHE A 209 -35.26 6.89 -10.44
N ARG A 210 -35.19 7.45 -11.65
CA ARG A 210 -36.23 8.40 -12.09
C ARG A 210 -37.54 7.80 -12.55
N ASP A 211 -37.65 6.48 -12.48
CA ASP A 211 -38.86 5.76 -12.88
C ASP A 211 -39.72 5.35 -11.68
N THR A 212 -39.46 5.95 -10.52
CA THR A 212 -40.19 5.66 -9.29
C THR A 212 -41.21 6.76 -8.95
N LYS A 213 -42.26 6.41 -8.23
CA LYS A 213 -43.28 7.39 -7.86
C LYS A 213 -42.71 8.38 -6.86
N GLY A 214 -41.74 7.91 -6.08
CA GLY A 214 -41.10 8.74 -5.07
C GLY A 214 -39.89 8.02 -4.51
N ILE A 215 -38.97 8.77 -3.92
CA ILE A 215 -37.73 8.25 -3.32
C ILE A 215 -37.70 8.55 -1.83
N ILE A 216 -37.66 7.49 -1.01
CA ILE A 216 -37.64 7.58 0.45
C ILE A 216 -36.23 7.34 0.95
N VAL A 217 -35.69 8.31 1.69
CA VAL A 217 -34.34 8.23 2.18
C VAL A 217 -34.22 8.11 3.70
N ASN A 218 -33.34 7.25 4.17
CA ASN A 218 -33.18 7.11 5.60
C ASN A 218 -32.26 8.20 6.07
N THR A 219 -32.81 9.39 6.21
CA THR A 219 -32.05 10.53 6.63
C THR A 219 -33.08 11.50 7.22
N PHE A 220 -32.61 12.61 7.76
CA PHE A 220 -33.53 13.59 8.27
C PHE A 220 -33.19 14.94 7.69
N SER A 221 -34.20 15.79 7.61
CA SER A 221 -34.10 17.14 7.06
C SER A 221 -32.99 18.01 7.66
N ASP A 222 -32.84 18.00 8.99
CA ASP A 222 -31.80 18.80 9.64
C ASP A 222 -30.40 18.36 9.23
N LEU A 223 -30.29 17.20 8.60
CA LEU A 223 -28.98 16.74 8.18
C LEU A 223 -28.66 17.09 6.74
N GLU A 224 -29.59 16.83 5.83
CA GLU A 224 -29.34 17.10 4.42
C GLU A 224 -30.41 17.86 3.66
N GLN A 225 -31.18 18.73 4.31
CA GLN A 225 -32.21 19.43 3.54
C GLN A 225 -31.56 20.26 2.43
N SER A 226 -30.42 20.86 2.75
CA SER A 226 -29.69 21.67 1.76
C SER A 226 -29.35 20.79 0.56
N SER A 227 -28.93 19.57 0.84
CA SER A 227 -28.59 18.66 -0.22
C SER A 227 -29.83 18.36 -1.07
N ILE A 228 -30.95 18.06 -0.42
CA ILE A 228 -32.17 17.76 -1.17
C ILE A 228 -32.60 18.95 -2.02
N ASP A 229 -32.71 20.13 -1.41
CA ASP A 229 -33.10 21.31 -2.16
C ASP A 229 -32.25 21.44 -3.43
N ALA A 230 -30.95 21.19 -3.28
CA ALA A 230 -30.01 21.27 -4.40
C ALA A 230 -30.29 20.26 -5.51
N LEU A 231 -30.87 19.12 -5.17
CA LEU A 231 -31.18 18.11 -6.19
C LEU A 231 -32.31 18.51 -7.11
N TYR A 232 -33.25 19.32 -6.61
CA TYR A 232 -34.37 19.76 -7.42
C TYR A 232 -33.96 20.95 -8.26
N ASP A 233 -33.22 21.87 -7.65
CA ASP A 233 -32.73 23.06 -8.34
C ASP A 233 -31.94 22.68 -9.57
N HIS A 234 -31.39 21.46 -9.58
CA HIS A 234 -30.57 21.01 -10.70
C HIS A 234 -31.34 20.21 -11.75
N ASP A 235 -32.05 19.17 -11.32
CA ASP A 235 -32.80 18.33 -12.24
C ASP A 235 -34.31 18.35 -11.94
N GLU A 236 -35.06 19.04 -12.80
CA GLU A 236 -36.51 19.14 -12.61
C GLU A 236 -37.28 17.87 -12.97
N LYS A 237 -36.63 16.72 -12.84
CA LYS A 237 -37.26 15.44 -13.15
C LYS A 237 -37.10 14.42 -12.03
N ILE A 238 -36.36 14.79 -11.00
CA ILE A 238 -36.15 13.89 -9.86
C ILE A 238 -37.47 13.77 -9.10
N PRO A 239 -37.97 12.54 -8.92
CA PRO A 239 -39.22 12.36 -8.19
C PRO A 239 -39.09 12.87 -6.77
N PRO A 240 -40.22 13.10 -6.08
CA PRO A 240 -40.19 13.60 -4.69
C PRO A 240 -39.29 12.76 -3.77
N ILE A 241 -38.66 13.43 -2.81
CA ILE A 241 -37.80 12.76 -1.84
C ILE A 241 -38.44 12.91 -0.47
N TYR A 242 -38.52 11.80 0.25
CA TYR A 242 -39.11 11.80 1.57
C TYR A 242 -38.06 11.39 2.59
N ALA A 243 -37.68 12.35 3.43
CA ALA A 243 -36.70 12.10 4.47
C ALA A 243 -37.51 11.58 5.65
N VAL A 244 -37.26 10.32 6.04
CA VAL A 244 -38.02 9.75 7.16
C VAL A 244 -37.19 9.07 8.25
N GLY A 245 -35.90 9.37 8.31
CA GLY A 245 -35.03 8.78 9.32
C GLY A 245 -34.74 9.74 10.46
N PRO A 246 -33.87 9.33 11.40
CA PRO A 246 -33.19 8.04 11.39
C PRO A 246 -34.12 6.86 11.66
N LEU A 247 -33.95 5.80 10.88
CA LEU A 247 -34.73 4.59 11.05
C LEU A 247 -33.74 3.59 11.65
N LEU A 248 -33.75 3.47 12.97
CA LEU A 248 -32.83 2.57 13.64
C LEU A 248 -33.55 1.47 14.40
N ASP A 249 -32.89 0.32 14.49
CA ASP A 249 -33.40 -0.81 15.23
C ASP A 249 -32.65 -0.68 16.55
N LEU A 250 -33.24 0.03 17.50
CA LEU A 250 -32.59 0.28 18.78
C LEU A 250 -32.56 -0.87 19.76
N LYS A 251 -33.27 -1.95 19.49
CA LYS A 251 -33.25 -3.08 20.40
C LYS A 251 -32.10 -3.99 19.98
N GLY A 252 -32.06 -4.29 18.70
CA GLY A 252 -31.03 -5.17 18.19
C GLY A 252 -31.52 -6.61 18.27
N GLN A 253 -31.39 -7.33 17.15
CA GLN A 253 -31.82 -8.71 17.12
C GLN A 253 -30.64 -9.66 17.28
N PRO A 254 -30.88 -10.82 17.92
CA PRO A 254 -29.90 -11.88 18.18
C PRO A 254 -29.22 -12.44 16.95
N ASN A 255 -28.18 -13.22 17.18
CA ASN A 255 -27.40 -13.86 16.12
C ASN A 255 -26.47 -14.87 16.79
N PRO A 256 -26.41 -16.10 16.26
CA PRO A 256 -25.56 -17.16 16.83
C PRO A 256 -24.15 -16.69 17.19
N LYS A 257 -23.63 -15.73 16.43
CA LYS A 257 -22.28 -15.22 16.64
C LYS A 257 -22.09 -14.49 17.97
N LEU A 258 -23.16 -14.40 18.76
CA LEU A 258 -23.14 -13.74 20.07
C LEU A 258 -24.23 -14.29 20.97
N ASP A 259 -23.86 -15.16 21.90
CA ASP A 259 -24.82 -15.75 22.84
C ASP A 259 -25.03 -14.82 24.02
N GLN A 260 -25.99 -15.18 24.88
CA GLN A 260 -26.34 -14.39 26.07
C GLN A 260 -25.16 -14.08 26.98
N ALA A 261 -24.36 -15.12 27.26
CA ALA A 261 -23.18 -14.97 28.10
C ALA A 261 -22.37 -13.80 27.59
N GLN A 262 -21.84 -13.96 26.37
CA GLN A 262 -21.04 -12.93 25.70
C GLN A 262 -21.76 -11.58 25.77
N HIS A 263 -22.99 -11.54 25.29
CA HIS A 263 -23.78 -10.32 25.30
C HIS A 263 -23.77 -9.72 26.70
N ASP A 264 -23.86 -10.59 27.70
CA ASP A 264 -23.89 -10.15 29.08
C ASP A 264 -22.55 -9.64 29.55
N LEU A 265 -21.50 -10.42 29.34
CA LEU A 265 -20.17 -10.01 29.78
C LEU A 265 -19.74 -8.67 29.15
N ILE A 266 -20.01 -8.51 27.86
CA ILE A 266 -19.66 -7.27 27.17
C ILE A 266 -20.24 -6.07 27.90
N LEU A 267 -21.54 -6.08 28.13
CA LEU A 267 -22.19 -4.95 28.79
C LEU A 267 -21.84 -4.77 30.28
N LYS A 268 -21.60 -5.87 30.98
CA LYS A 268 -21.23 -5.79 32.39
C LYS A 268 -19.83 -5.20 32.47
N TRP A 269 -19.00 -5.56 31.50
CA TRP A 269 -17.65 -5.04 31.44
C TRP A 269 -17.71 -3.53 31.21
N LEU A 270 -18.41 -3.11 30.18
CA LEU A 270 -18.53 -1.70 29.89
C LEU A 270 -18.95 -0.94 31.15
N ASP A 271 -19.88 -1.53 31.91
CA ASP A 271 -20.39 -0.93 33.15
C ASP A 271 -19.30 -0.54 34.14
N GLU A 272 -18.26 -1.36 34.25
CA GLU A 272 -17.17 -1.09 35.17
C GLU A 272 -16.26 0.03 34.68
N GLN A 273 -16.40 0.41 33.42
CA GLN A 273 -15.55 1.44 32.83
C GLN A 273 -16.04 2.86 33.06
N PRO A 274 -15.11 3.80 33.23
CA PRO A 274 -15.46 5.20 33.47
C PRO A 274 -16.31 5.75 32.32
N ASP A 275 -17.10 6.76 32.59
CA ASP A 275 -17.95 7.35 31.57
C ASP A 275 -17.12 7.92 30.43
N LYS A 276 -17.49 7.56 29.20
CA LYS A 276 -16.81 8.03 27.99
C LYS A 276 -15.31 7.75 27.93
N SER A 277 -14.90 6.62 28.47
CA SER A 277 -13.50 6.23 28.49
C SER A 277 -13.21 5.14 27.47
N VAL A 278 -14.26 4.43 27.07
CA VAL A 278 -14.14 3.34 26.12
C VAL A 278 -14.32 3.73 24.66
N VAL A 279 -13.56 3.11 23.77
CA VAL A 279 -13.71 3.38 22.36
C VAL A 279 -14.19 2.07 21.73
N PHE A 280 -15.19 2.17 20.87
CA PHE A 280 -15.72 1.01 20.21
C PHE A 280 -15.17 0.98 18.81
N LEU A 281 -14.80 -0.21 18.35
CA LEU A 281 -14.26 -0.39 17.02
C LEU A 281 -15.09 -1.49 16.35
N CYS A 282 -15.75 -1.13 15.25
CA CYS A 282 -16.57 -2.08 14.51
C CYS A 282 -16.56 -1.72 13.03
N PHE A 283 -16.27 -2.70 12.20
CA PHE A 283 -16.19 -2.46 10.78
C PHE A 283 -17.23 -3.20 9.97
N GLY A 284 -18.50 -3.01 10.32
CA GLY A 284 -19.58 -3.63 9.59
C GLY A 284 -19.91 -5.07 9.90
N SER A 285 -20.96 -5.55 9.23
CA SER A 285 -21.46 -6.92 9.38
C SER A 285 -21.00 -7.83 8.25
N MET A 286 -20.65 -7.24 7.12
CA MET A 286 -20.21 -7.98 5.95
C MET A 286 -19.06 -8.93 6.30
N GLY A 287 -18.59 -8.89 7.53
CA GLY A 287 -17.50 -9.74 7.94
C GLY A 287 -16.18 -9.40 7.27
N VAL A 288 -16.13 -8.24 6.62
CA VAL A 288 -14.91 -7.81 5.95
C VAL A 288 -13.79 -7.64 6.97
N SER A 289 -12.88 -8.61 6.97
CA SER A 289 -11.76 -8.62 7.91
C SER A 289 -10.44 -8.08 7.37
N PHE A 290 -9.64 -7.54 8.29
CA PHE A 290 -8.35 -6.96 8.00
C PHE A 290 -7.23 -8.02 7.95
N GLY A 291 -6.15 -7.70 7.24
CA GLY A 291 -5.00 -8.59 7.13
C GLY A 291 -4.20 -8.66 8.43
N PRO A 292 -3.48 -9.77 8.70
CA PRO A 292 -2.69 -9.95 9.91
C PRO A 292 -1.87 -8.74 10.34
N SER A 293 -1.07 -8.22 9.41
CA SER A 293 -0.22 -7.06 9.68
C SER A 293 -1.06 -5.87 10.14
N GLN A 294 -2.16 -5.60 9.44
CA GLN A 294 -3.02 -4.49 9.83
C GLN A 294 -3.63 -4.72 11.22
N ILE A 295 -4.01 -5.97 11.50
CA ILE A 295 -4.60 -6.29 12.80
C ILE A 295 -3.61 -5.94 13.90
N ARG A 296 -2.39 -6.45 13.76
CA ARG A 296 -1.34 -6.22 14.76
C ARG A 296 -1.12 -4.73 14.96
N GLU A 297 -1.15 -3.97 13.88
CA GLU A 297 -0.96 -2.53 13.98
C GLU A 297 -2.08 -1.88 14.78
N ILE A 298 -3.31 -2.33 14.57
CA ILE A 298 -4.42 -1.78 15.33
C ILE A 298 -4.21 -2.17 16.81
N ALA A 299 -3.87 -3.43 17.06
CA ALA A 299 -3.65 -3.90 18.43
C ALA A 299 -2.58 -3.10 19.18
N LEU A 300 -1.49 -2.76 18.50
CA LEU A 300 -0.43 -1.99 19.12
C LEU A 300 -0.87 -0.55 19.29
N GLY A 301 -1.58 -0.03 18.29
CA GLY A 301 -2.07 1.33 18.35
C GLY A 301 -3.02 1.52 19.51
N LEU A 302 -3.89 0.55 19.76
CA LEU A 302 -4.84 0.66 20.86
C LEU A 302 -4.13 0.68 22.20
N LYS A 303 -3.12 -0.19 22.35
CA LYS A 303 -2.38 -0.26 23.62
C LYS A 303 -1.60 1.03 23.90
N HIS A 304 -0.77 1.44 22.96
CA HIS A 304 0.00 2.64 23.12
C HIS A 304 -0.89 3.84 23.43
N SER A 305 -2.08 3.86 22.88
CA SER A 305 -2.96 5.00 23.10
C SER A 305 -3.43 5.12 24.55
N GLY A 306 -3.42 4.01 25.26
CA GLY A 306 -3.83 3.99 26.65
C GLY A 306 -5.32 4.10 26.90
N VAL A 307 -6.14 4.08 25.83
CA VAL A 307 -7.59 4.18 25.97
C VAL A 307 -8.26 2.80 26.09
N ARG A 308 -9.33 2.71 26.89
CA ARG A 308 -10.08 1.47 27.05
C ARG A 308 -10.71 1.17 25.70
N PHE A 309 -11.00 -0.10 25.43
CA PHE A 309 -11.56 -0.43 24.14
C PHE A 309 -12.36 -1.71 24.03
N LEU A 310 -13.22 -1.73 23.02
CA LEU A 310 -14.06 -2.86 22.70
C LEU A 310 -13.85 -3.03 21.21
N TRP A 311 -13.14 -4.08 20.84
CA TRP A 311 -12.79 -4.36 19.47
C TRP A 311 -13.56 -5.56 18.90
N SER A 312 -14.41 -5.28 17.92
CA SER A 312 -15.14 -6.35 17.31
C SER A 312 -14.34 -6.82 16.10
N ASN A 313 -14.06 -8.12 16.05
CA ASN A 313 -13.32 -8.65 14.92
C ASN A 313 -13.11 -10.14 15.03
N SER A 314 -12.90 -10.77 13.88
CA SER A 314 -12.65 -12.20 13.80
C SER A 314 -11.21 -12.37 13.31
N ALA A 315 -10.36 -12.93 14.16
CA ALA A 315 -8.96 -13.14 13.81
C ALA A 315 -8.35 -14.16 14.76
N GLU A 316 -7.51 -15.04 14.24
CA GLU A 316 -6.88 -16.04 15.10
C GLU A 316 -6.04 -15.35 16.16
N LYS A 317 -5.92 -16.00 17.32
CA LYS A 317 -5.16 -15.47 18.42
C LYS A 317 -3.67 -15.51 18.06
N LYS A 318 -3.33 -16.35 17.08
CA LYS A 318 -1.96 -16.50 16.62
C LYS A 318 -1.58 -15.34 15.72
N VAL A 319 -2.51 -14.42 15.50
CA VAL A 319 -2.27 -13.29 14.62
C VAL A 319 -1.88 -12.01 15.37
N PHE A 320 -2.30 -11.90 16.63
CA PHE A 320 -2.04 -10.72 17.46
C PHE A 320 -0.61 -10.60 18.00
N PRO A 321 -0.15 -9.36 18.25
CA PRO A 321 1.20 -9.16 18.77
C PRO A 321 1.40 -10.09 19.96
N GLU A 322 2.57 -10.72 20.06
CA GLU A 322 2.84 -11.63 21.18
C GLU A 322 2.65 -10.94 22.50
N GLY A 323 1.85 -11.53 23.38
CA GLY A 323 1.60 -10.94 24.68
C GLY A 323 0.59 -9.81 24.68
N PHE A 324 -0.17 -9.68 23.60
CA PHE A 324 -1.18 -8.63 23.51
C PHE A 324 -2.46 -9.02 24.22
N LEU A 325 -2.90 -10.25 23.96
CA LEU A 325 -4.11 -10.79 24.56
C LEU A 325 -3.91 -11.02 26.05
N GLU A 326 -2.73 -11.51 26.43
CA GLU A 326 -2.47 -11.74 27.84
C GLU A 326 -2.61 -10.41 28.56
N TRP A 327 -2.03 -9.37 27.99
CA TRP A 327 -2.10 -8.03 28.57
C TRP A 327 -3.56 -7.58 28.67
N MET A 328 -4.29 -7.71 27.57
CA MET A 328 -5.68 -7.30 27.53
C MET A 328 -6.50 -7.90 28.69
N GLU A 329 -6.64 -9.21 28.71
CA GLU A 329 -7.40 -9.90 29.75
C GLU A 329 -6.72 -9.86 31.12
N LEU A 330 -5.55 -9.24 31.20
CA LEU A 330 -4.83 -9.15 32.48
C LEU A 330 -5.17 -7.83 33.16
N GLU A 331 -5.16 -6.74 32.39
CA GLU A 331 -5.46 -5.41 32.90
C GLU A 331 -6.91 -5.03 32.64
N GLY A 332 -7.57 -5.80 31.78
CA GLY A 332 -8.95 -5.54 31.43
C GLY A 332 -9.15 -4.10 30.97
N LYS A 333 -8.26 -3.62 30.11
CA LYS A 333 -8.36 -2.26 29.59
C LYS A 333 -9.02 -2.30 28.24
N GLY A 334 -9.17 -3.52 27.73
CA GLY A 334 -9.79 -3.70 26.44
C GLY A 334 -10.42 -5.07 26.36
N MET A 335 -11.29 -5.25 25.37
CA MET A 335 -11.97 -6.52 25.21
C MET A 335 -12.20 -6.76 23.72
N ILE A 336 -12.22 -8.04 23.32
CA ILE A 336 -12.45 -8.40 21.93
C ILE A 336 -13.64 -9.35 21.81
N CYS A 337 -14.56 -9.01 20.90
CA CYS A 337 -15.75 -9.83 20.67
C CYS A 337 -15.88 -10.11 19.18
N GLY A 338 -16.70 -11.09 18.84
CA GLY A 338 -16.91 -11.46 17.45
C GLY A 338 -17.94 -10.55 16.82
N TRP A 339 -19.19 -10.73 17.19
CA TRP A 339 -20.26 -9.88 16.69
C TRP A 339 -20.59 -9.04 17.91
N ALA A 340 -21.23 -7.89 17.69
CA ALA A 340 -21.51 -7.02 18.82
C ALA A 340 -22.90 -6.41 18.92
N PRO A 341 -23.37 -6.15 20.16
CA PRO A 341 -24.68 -5.54 20.34
C PRO A 341 -24.39 -4.05 20.13
N GLN A 342 -24.02 -3.70 18.91
CA GLN A 342 -23.65 -2.34 18.57
C GLN A 342 -24.50 -1.18 19.11
N VAL A 343 -25.82 -1.26 18.97
CA VAL A 343 -26.62 -0.17 19.51
C VAL A 343 -26.60 -0.17 21.04
N GLU A 344 -26.55 -1.36 21.65
CA GLU A 344 -26.50 -1.42 23.11
C GLU A 344 -25.20 -0.76 23.56
N VAL A 345 -24.13 -1.08 22.83
CA VAL A 345 -22.81 -0.53 23.12
C VAL A 345 -22.79 0.98 22.90
N LEU A 346 -23.21 1.42 21.72
CA LEU A 346 -23.21 2.83 21.42
C LEU A 346 -24.12 3.60 22.37
N ALA A 347 -24.98 2.88 23.07
CA ALA A 347 -25.89 3.53 24.00
C ALA A 347 -25.33 3.52 25.41
N HIS A 348 -24.38 2.64 25.66
CA HIS A 348 -23.79 2.53 26.98
C HIS A 348 -23.00 3.79 27.35
N LYS A 349 -23.19 4.23 28.59
CA LYS A 349 -22.56 5.41 29.15
C LYS A 349 -21.04 5.47 29.03
N ALA A 350 -20.40 4.31 29.01
CA ALA A 350 -18.93 4.23 28.93
C ALA A 350 -18.28 4.57 27.59
N ILE A 351 -19.01 4.40 26.48
CA ILE A 351 -18.46 4.67 25.16
C ILE A 351 -18.22 6.15 24.93
N GLY A 352 -17.02 6.49 24.49
CA GLY A 352 -16.69 7.88 24.23
C GLY A 352 -16.28 8.14 22.78
N GLY A 353 -16.09 7.09 22.01
CA GLY A 353 -15.69 7.26 20.63
C GLY A 353 -15.99 6.02 19.83
N PHE A 354 -16.02 6.15 18.51
CA PHE A 354 -16.36 5.02 17.66
C PHE A 354 -15.50 4.99 16.38
N VAL A 355 -14.71 3.93 16.22
CA VAL A 355 -13.91 3.80 15.00
C VAL A 355 -14.80 2.95 14.08
N SER A 356 -15.41 3.60 13.11
CA SER A 356 -16.31 2.91 12.22
C SER A 356 -15.92 2.92 10.76
N HIS A 357 -16.29 1.85 10.07
CA HIS A 357 -16.02 1.70 8.65
C HIS A 357 -16.95 2.64 7.89
N CYS A 358 -17.75 3.38 8.65
CA CYS A 358 -18.66 4.37 8.11
C CYS A 358 -19.87 3.93 7.31
N GLY A 359 -20.44 2.78 7.64
CA GLY A 359 -21.65 2.34 6.97
C GLY A 359 -22.71 3.34 7.39
N TRP A 360 -23.78 3.48 6.61
CA TRP A 360 -24.80 4.47 6.96
C TRP A 360 -25.56 4.19 8.26
N ASN A 361 -25.95 2.95 8.48
CA ASN A 361 -26.66 2.62 9.72
C ASN A 361 -25.79 2.94 10.92
N SER A 362 -24.53 2.55 10.83
CA SER A 362 -23.58 2.79 11.90
C SER A 362 -23.47 4.29 12.18
N ILE A 363 -23.35 5.09 11.12
CA ILE A 363 -23.23 6.52 11.34
C ILE A 363 -24.47 7.03 12.02
N LEU A 364 -25.63 6.63 11.49
CA LEU A 364 -26.90 7.07 12.05
C LEU A 364 -27.06 6.68 13.49
N GLU A 365 -26.63 5.49 13.88
CA GLU A 365 -26.74 5.03 15.26
C GLU A 365 -25.78 5.82 16.15
N SER A 366 -24.62 6.11 15.59
CA SER A 366 -23.60 6.85 16.28
C SER A 366 -24.09 8.28 16.51
N MET A 367 -24.79 8.85 15.54
CA MET A 367 -25.29 10.20 15.72
C MET A 367 -26.44 10.22 16.72
N TRP A 368 -27.24 9.16 16.71
CA TRP A 368 -28.39 9.07 17.60
C TRP A 368 -27.98 9.14 19.06
N PHE A 369 -26.87 8.48 19.38
CA PHE A 369 -26.37 8.43 20.74
C PHE A 369 -25.28 9.44 21.04
N GLY A 370 -25.09 10.39 20.15
CA GLY A 370 -24.08 11.42 20.36
C GLY A 370 -22.67 10.91 20.60
N VAL A 371 -22.22 9.97 19.77
CA VAL A 371 -20.89 9.40 19.88
C VAL A 371 -20.07 9.78 18.65
N PRO A 372 -18.87 10.33 18.87
CA PRO A 372 -17.96 10.76 17.80
C PRO A 372 -17.31 9.58 17.09
N ILE A 373 -17.23 9.65 15.77
CA ILE A 373 -16.59 8.53 15.08
C ILE A 373 -15.23 8.92 14.48
N LEU A 374 -14.31 7.96 14.49
CA LEU A 374 -12.99 8.12 13.90
C LEU A 374 -13.12 7.28 12.62
N THR A 375 -13.25 7.97 11.48
CA THR A 375 -13.46 7.31 10.21
C THR A 375 -12.40 6.39 9.64
N TRP A 376 -12.85 5.19 9.26
CA TRP A 376 -12.02 4.19 8.65
C TRP A 376 -12.87 3.49 7.59
N PRO A 377 -13.23 4.22 6.52
CA PRO A 377 -14.04 3.64 5.44
C PRO A 377 -13.36 2.44 4.79
N ILE A 378 -14.13 1.57 4.13
CA ILE A 378 -13.54 0.41 3.49
C ILE A 378 -14.09 0.06 2.11
N TYR A 379 -15.39 -0.18 2.01
CA TYR A 379 -16.01 -0.52 0.73
C TYR A 379 -17.28 0.28 0.48
N ALA A 380 -17.91 0.06 -0.67
CA ALA A 380 -19.14 0.75 -1.00
C ALA A 380 -19.02 2.28 -1.00
N GLU A 381 -20.00 2.96 -0.43
CA GLU A 381 -20.01 4.42 -0.40
C GLU A 381 -19.44 4.97 0.91
N GLN A 382 -18.85 4.08 1.70
CA GLN A 382 -18.28 4.46 3.00
C GLN A 382 -17.34 5.64 2.93
N GLN A 383 -16.54 5.69 1.88
CA GLN A 383 -15.58 6.75 1.71
C GLN A 383 -16.25 8.13 1.65
N LEU A 384 -17.33 8.20 0.90
CA LEU A 384 -18.07 9.45 0.76
C LEU A 384 -18.71 9.83 2.08
N ASN A 385 -19.23 8.82 2.80
CA ASN A 385 -19.88 9.09 4.08
C ASN A 385 -18.87 9.68 5.03
N ALA A 386 -17.64 9.13 5.03
CA ALA A 386 -16.58 9.60 5.93
C ALA A 386 -16.12 11.00 5.56
N PHE A 387 -16.03 11.26 4.25
CA PHE A 387 -15.62 12.56 3.77
C PHE A 387 -16.58 13.65 4.25
N ARG A 388 -17.89 13.39 4.14
CA ARG A 388 -18.89 14.36 4.57
C ARG A 388 -18.96 14.43 6.08
N LEU A 389 -18.74 13.28 6.72
CA LEU A 389 -18.75 13.20 8.16
C LEU A 389 -17.70 14.16 8.74
N VAL A 390 -16.58 14.33 8.02
CA VAL A 390 -15.47 15.16 8.45
C VAL A 390 -15.48 16.57 7.87
N LYS A 391 -15.52 16.65 6.54
CA LYS A 391 -15.49 17.93 5.82
C LYS A 391 -16.81 18.72 5.75
N GLU A 392 -17.94 18.03 5.89
CA GLU A 392 -19.23 18.70 5.81
C GLU A 392 -19.94 18.92 7.16
N TRP A 393 -20.27 17.84 7.86
CA TRP A 393 -20.95 17.98 9.15
C TRP A 393 -19.99 18.16 10.32
N GLY A 394 -18.71 17.86 10.10
CA GLY A 394 -17.73 18.01 11.16
C GLY A 394 -18.09 17.32 12.47
N VAL A 395 -18.74 16.16 12.37
CA VAL A 395 -19.11 15.43 13.56
C VAL A 395 -18.12 14.31 13.82
N GLY A 396 -17.13 14.16 12.95
CA GLY A 396 -16.14 13.11 13.12
C GLY A 396 -14.73 13.50 12.72
N LEU A 397 -13.76 12.67 13.13
CA LEU A 397 -12.36 12.88 12.81
C LEU A 397 -11.91 11.90 11.74
N GLY A 398 -10.98 12.32 10.91
CA GLY A 398 -10.51 11.43 9.88
C GLY A 398 -9.22 10.73 10.26
N LEU A 399 -9.17 9.45 10.00
CA LEU A 399 -7.98 8.68 10.28
C LEU A 399 -7.48 8.55 8.86
N ARG A 400 -8.41 8.11 8.02
CA ARG A 400 -8.23 7.92 6.60
C ARG A 400 -9.61 8.06 5.99
N VAL A 401 -9.80 9.11 5.19
CA VAL A 401 -11.08 9.36 4.56
C VAL A 401 -11.16 8.70 3.17
N ASP A 402 -10.06 8.08 2.74
CA ASP A 402 -9.99 7.44 1.43
C ASP A 402 -9.51 5.98 1.42
N TYR A 403 -9.46 5.36 2.58
CA TYR A 403 -9.00 3.96 2.70
C TYR A 403 -9.94 2.98 1.97
N ARG A 404 -9.35 2.02 1.27
CA ARG A 404 -10.13 1.02 0.53
C ARG A 404 -9.32 -0.23 0.25
N LYS A 405 -9.96 -1.24 -0.34
CA LYS A 405 -9.27 -2.49 -0.66
C LYS A 405 -8.01 -2.19 -1.48
N GLY A 406 -6.85 -2.51 -0.91
CA GLY A 406 -5.59 -2.29 -1.61
C GLY A 406 -4.79 -1.11 -1.08
N SER A 407 -5.12 -0.65 0.12
CA SER A 407 -4.44 0.48 0.73
C SER A 407 -3.33 0.06 1.70
N ASP A 408 -2.31 0.90 1.82
CA ASP A 408 -1.21 0.62 2.72
C ASP A 408 -1.76 0.37 4.11
N VAL A 409 -1.10 -0.48 4.89
CA VAL A 409 -1.56 -0.72 6.23
C VAL A 409 -1.45 0.61 6.99
N VAL A 410 -2.46 0.93 7.80
CA VAL A 410 -2.47 2.13 8.60
C VAL A 410 -1.70 1.75 9.86
N ALA A 411 -0.62 2.47 10.11
CA ALA A 411 0.27 2.21 11.23
C ALA A 411 -0.20 2.66 12.60
N ALA A 412 0.25 1.93 13.62
CA ALA A 412 -0.08 2.21 15.01
C ALA A 412 0.14 3.67 15.39
N GLU A 413 1.23 4.28 14.95
CA GLU A 413 1.47 5.68 15.29
C GLU A 413 0.33 6.58 14.81
N GLU A 414 -0.19 6.29 13.62
CA GLU A 414 -1.26 7.07 13.05
C GLU A 414 -2.55 6.78 13.80
N ILE A 415 -2.80 5.51 14.08
CA ILE A 415 -3.99 5.08 14.81
C ILE A 415 -4.02 5.70 16.22
N GLU A 416 -2.88 5.61 16.91
CA GLU A 416 -2.71 6.13 18.27
C GLU A 416 -3.07 7.61 18.32
N LYS A 417 -2.55 8.36 17.37
CA LYS A 417 -2.78 9.80 17.28
C LYS A 417 -4.24 10.08 16.93
N GLY A 418 -4.85 9.18 16.17
CA GLY A 418 -6.25 9.37 15.80
C GLY A 418 -7.14 9.18 17.01
N LEU A 419 -6.79 8.18 17.83
CA LEU A 419 -7.52 7.82 19.04
C LEU A 419 -7.49 8.93 20.07
N LYS A 420 -6.29 9.37 20.44
CA LYS A 420 -6.14 10.45 21.41
C LYS A 420 -6.96 11.68 20.99
N ASP A 421 -7.00 11.99 19.71
CA ASP A 421 -7.79 13.13 19.25
C ASP A 421 -9.27 12.82 19.41
N LEU A 422 -9.67 11.61 19.03
CA LEU A 422 -11.06 11.21 19.15
C LEU A 422 -11.55 11.36 20.58
N MET A 423 -10.74 10.90 21.53
CA MET A 423 -11.14 10.96 22.92
C MET A 423 -10.84 12.28 23.65
N ASP A 424 -10.50 13.31 22.89
CA ASP A 424 -10.17 14.59 23.50
C ASP A 424 -11.41 15.37 23.94
N LYS A 425 -11.53 15.55 25.25
CA LYS A 425 -12.65 16.26 25.85
C LYS A 425 -12.88 17.60 25.15
N ASP A 426 -11.79 18.28 24.81
CA ASP A 426 -11.88 19.59 24.15
C ASP A 426 -11.65 19.49 22.65
N SER A 427 -12.58 18.87 21.94
CA SER A 427 -12.49 18.74 20.50
C SER A 427 -13.67 19.47 19.89
N ILE A 428 -13.41 20.28 18.86
CA ILE A 428 -14.47 21.03 18.22
C ILE A 428 -15.65 20.12 17.85
N VAL A 429 -15.34 18.91 17.40
CA VAL A 429 -16.38 17.96 17.00
C VAL A 429 -17.33 17.57 18.12
N HIS A 430 -16.80 17.44 19.33
CA HIS A 430 -17.66 17.04 20.44
C HIS A 430 -18.89 17.92 20.59
N LYS A 431 -18.73 19.22 20.47
CA LYS A 431 -19.87 20.12 20.59
C LYS A 431 -20.81 19.96 19.39
N LYS A 432 -20.25 19.64 18.23
CA LYS A 432 -21.05 19.46 17.01
C LYS A 432 -21.80 18.13 17.01
N VAL A 433 -21.26 17.15 17.75
CA VAL A 433 -21.87 15.83 17.83
C VAL A 433 -23.13 15.83 18.69
N GLN A 434 -23.13 16.60 19.77
CA GLN A 434 -24.28 16.67 20.66
C GLN A 434 -25.40 17.46 20.03
N GLU A 435 -25.05 18.39 19.17
CA GLU A 435 -26.06 19.18 18.49
C GLU A 435 -26.65 18.30 17.39
N MET A 436 -25.87 17.35 16.92
CA MET A 436 -26.33 16.43 15.89
C MET A 436 -27.22 15.40 16.57
N LYS A 437 -26.80 14.96 17.75
CA LYS A 437 -27.56 14.00 18.53
C LYS A 437 -28.97 14.57 18.74
N GLU A 438 -29.04 15.81 19.22
CA GLU A 438 -30.32 16.45 19.47
C GLU A 438 -31.19 16.57 18.22
N MET A 439 -30.59 17.05 17.13
CA MET A 439 -31.33 17.21 15.90
C MET A 439 -31.89 15.88 15.37
N SER A 440 -31.06 14.85 15.38
CA SER A 440 -31.50 13.56 14.87
C SER A 440 -32.64 12.97 15.70
N ARG A 441 -32.70 13.32 16.98
CA ARG A 441 -33.78 12.78 17.79
C ARG A 441 -35.11 13.52 17.64
N ASN A 442 -35.05 14.82 17.39
CA ASN A 442 -36.27 15.60 17.21
C ASN A 442 -36.90 15.23 15.88
N ALA A 443 -36.10 14.80 14.92
CA ALA A 443 -36.62 14.43 13.62
C ALA A 443 -37.78 13.45 13.73
N VAL A 444 -37.75 12.58 14.72
CA VAL A 444 -38.79 11.57 14.87
C VAL A 444 -39.74 11.64 16.07
N VAL A 445 -39.86 12.82 16.66
CA VAL A 445 -40.81 13.02 17.76
C VAL A 445 -41.98 13.66 17.03
N ASP A 446 -43.19 13.58 17.58
CA ASP A 446 -44.33 14.20 16.92
C ASP A 446 -43.98 15.64 16.54
N GLY A 447 -44.48 16.09 15.39
CA GLY A 447 -44.20 17.44 14.94
C GLY A 447 -42.81 17.55 14.35
N GLY A 448 -42.07 16.44 14.35
CA GLY A 448 -40.72 16.44 13.80
C GLY A 448 -40.76 16.34 12.29
N SER A 449 -39.70 16.81 11.63
CA SER A 449 -39.66 16.79 10.17
C SER A 449 -39.97 15.43 9.57
N SER A 450 -39.41 14.37 10.14
CA SER A 450 -39.64 13.01 9.62
C SER A 450 -41.06 12.48 9.83
N LEU A 451 -41.67 12.77 10.97
CA LEU A 451 -43.03 12.29 11.19
C LEU A 451 -43.98 13.10 10.32
N ILE A 452 -43.71 14.39 10.16
CA ILE A 452 -44.54 15.21 9.29
C ILE A 452 -44.39 14.63 7.87
N SER A 453 -43.15 14.27 7.55
CA SER A 453 -42.77 13.70 6.27
C SER A 453 -43.43 12.35 5.95
N VAL A 454 -43.43 11.43 6.92
CA VAL A 454 -44.02 10.11 6.74
C VAL A 454 -45.52 10.24 6.53
N GLY A 455 -46.11 11.31 7.05
CA GLY A 455 -47.53 11.55 6.90
C GLY A 455 -47.90 11.90 5.47
N LYS A 456 -47.10 12.77 4.84
CA LYS A 456 -47.37 13.16 3.46
C LYS A 456 -47.08 11.98 2.55
N LEU A 457 -46.13 11.13 2.96
CA LEU A 457 -45.77 9.98 2.16
C LEU A 457 -46.93 8.97 2.14
N ILE A 458 -47.43 8.62 3.30
CA ILE A 458 -48.52 7.68 3.40
C ILE A 458 -49.73 8.25 2.65
N ASP A 459 -49.94 9.56 2.75
CA ASP A 459 -51.05 10.20 2.07
C ASP A 459 -50.85 10.08 0.57
N ASP A 460 -49.59 10.22 0.15
CA ASP A 460 -49.26 10.12 -1.27
C ASP A 460 -49.47 8.71 -1.79
N ILE A 461 -48.94 7.74 -1.05
CA ILE A 461 -49.04 6.35 -1.44
C ILE A 461 -50.48 5.90 -1.56
N THR A 462 -51.26 6.17 -0.52
CA THR A 462 -52.65 5.78 -0.49
C THR A 462 -53.61 6.78 -1.10
N GLY A 463 -53.09 7.90 -1.59
CA GLY A 463 -53.95 8.92 -2.19
C GLY A 463 -54.50 8.57 -3.56
N LYS B 8 58.43 5.71 -20.04
CA LYS B 8 57.17 5.12 -20.56
C LYS B 8 56.02 5.26 -19.57
N ASN B 9 55.94 6.40 -18.90
CA ASN B 9 54.89 6.67 -17.92
C ASN B 9 53.55 7.05 -18.55
N SER B 10 52.48 6.51 -18.00
CA SER B 10 51.13 6.79 -18.49
C SER B 10 50.31 7.25 -17.31
N GLU B 11 49.46 8.24 -17.52
CA GLU B 11 48.64 8.76 -16.44
C GLU B 11 47.16 8.74 -16.80
N LEU B 12 46.33 8.26 -15.87
CA LEU B 12 44.89 8.23 -16.06
C LEU B 12 44.24 9.07 -14.98
N ILE B 13 43.23 9.84 -15.35
CA ILE B 13 42.52 10.65 -14.38
C ILE B 13 41.21 9.92 -14.00
N PHE B 14 41.02 9.70 -12.70
CA PHE B 14 39.83 9.02 -12.19
C PHE B 14 38.89 10.01 -11.53
N ILE B 15 37.67 10.11 -12.04
CA ILE B 15 36.68 11.00 -11.45
C ILE B 15 35.48 10.14 -11.02
N PRO B 16 35.53 9.59 -9.80
CA PRO B 16 34.39 8.77 -9.39
C PRO B 16 33.21 9.62 -8.92
N ALA B 17 32.12 8.97 -8.55
CA ALA B 17 30.95 9.66 -8.06
C ALA B 17 31.00 9.56 -6.53
N PRO B 18 30.42 10.54 -5.81
CA PRO B 18 30.43 10.51 -4.35
C PRO B 18 29.60 9.37 -3.77
N GLY B 19 30.15 8.66 -2.78
CA GLY B 19 29.39 7.58 -2.19
C GLY B 19 30.19 6.42 -1.61
N ILE B 20 29.50 5.31 -1.36
CA ILE B 20 30.12 4.12 -0.81
C ILE B 20 30.27 3.09 -1.93
N GLY B 21 29.16 2.73 -2.55
CA GLY B 21 29.18 1.76 -3.63
C GLY B 21 29.64 2.38 -4.94
N HIS B 22 30.38 3.47 -4.85
CA HIS B 22 30.89 4.15 -6.03
C HIS B 22 32.32 4.64 -5.85
N LEU B 23 32.77 4.70 -4.61
CA LEU B 23 34.12 5.17 -4.32
C LEU B 23 35.07 4.03 -4.01
N ALA B 24 34.61 3.09 -3.17
CA ALA B 24 35.43 1.95 -2.79
C ALA B 24 35.93 1.18 -4.01
N SER B 25 35.00 0.56 -4.73
CA SER B 25 35.34 -0.21 -5.92
C SER B 25 36.22 0.62 -6.88
N ALA B 26 36.03 1.93 -6.87
CA ALA B 26 36.79 2.83 -7.72
C ALA B 26 38.26 2.75 -7.36
N LEU B 27 38.56 2.87 -6.07
CA LEU B 27 39.93 2.79 -5.58
C LEU B 27 40.48 1.37 -5.76
N GLU B 28 39.64 0.37 -5.56
CA GLU B 28 40.08 -1.02 -5.75
C GLU B 28 40.47 -1.20 -7.21
N PHE B 29 39.78 -0.50 -8.10
CA PHE B 29 40.09 -0.60 -9.49
C PHE B 29 41.44 0.12 -9.73
N ALA B 30 41.65 1.25 -9.05
CA ALA B 30 42.90 1.97 -9.19
C ALA B 30 44.06 1.06 -8.75
N LYS B 31 43.91 0.42 -7.59
CA LYS B 31 44.96 -0.48 -7.10
C LYS B 31 45.16 -1.64 -8.05
N LEU B 32 44.07 -2.15 -8.62
CA LEU B 32 44.15 -3.29 -9.54
C LEU B 32 44.98 -2.98 -10.79
N LEU B 33 44.74 -1.80 -11.36
CA LEU B 33 45.44 -1.37 -12.56
C LEU B 33 46.89 -1.06 -12.29
N THR B 34 47.15 -0.25 -11.28
CA THR B 34 48.54 0.07 -10.96
C THR B 34 49.34 -1.16 -10.59
N ASN B 35 48.68 -2.20 -10.09
CA ASN B 35 49.41 -3.42 -9.77
C ASN B 35 49.84 -4.13 -11.05
N HIS B 36 49.20 -3.80 -12.17
CA HIS B 36 49.55 -4.47 -13.39
C HIS B 36 50.31 -3.64 -14.42
N ASP B 37 50.87 -2.53 -13.97
CA ASP B 37 51.71 -1.68 -14.82
C ASP B 37 52.47 -0.66 -13.99
N LYS B 38 53.68 -1.03 -13.59
CA LYS B 38 54.54 -0.17 -12.80
C LYS B 38 54.60 1.24 -13.38
N ASN B 39 54.47 1.38 -14.70
CA ASN B 39 54.53 2.68 -15.34
C ASN B 39 53.21 3.41 -15.45
N LEU B 40 52.17 2.88 -14.82
CA LEU B 40 50.85 3.53 -14.89
C LEU B 40 50.53 4.27 -13.62
N TYR B 41 50.29 5.57 -13.73
CA TYR B 41 49.95 6.40 -12.58
C TYR B 41 48.55 6.93 -12.68
N ILE B 42 47.87 7.03 -11.54
CA ILE B 42 46.49 7.47 -11.51
C ILE B 42 46.18 8.63 -10.55
N THR B 43 45.44 9.60 -11.07
CA THR B 43 45.04 10.74 -10.27
C THR B 43 43.55 10.58 -10.02
N VAL B 44 43.14 10.64 -8.76
CA VAL B 44 41.73 10.51 -8.45
C VAL B 44 41.21 11.83 -7.95
N PHE B 45 40.19 12.35 -8.64
CA PHE B 45 39.59 13.62 -8.28
C PHE B 45 38.55 13.37 -7.20
N CYS B 46 38.91 13.61 -5.95
CA CYS B 46 37.95 13.42 -4.87
C CYS B 46 36.94 14.56 -4.85
N ILE B 47 35.66 14.23 -5.05
CA ILE B 47 34.57 15.21 -5.04
C ILE B 47 33.67 15.06 -3.82
N LYS B 48 33.52 16.14 -3.05
CA LYS B 48 32.68 16.13 -1.84
C LYS B 48 31.18 16.07 -2.10
N PHE B 49 30.55 14.95 -1.74
CA PHE B 49 29.11 14.80 -1.90
C PHE B 49 28.48 15.90 -1.03
N PRO B 50 27.47 16.60 -1.55
CA PRO B 50 26.79 17.67 -0.83
C PRO B 50 26.97 17.70 0.68
N GLY B 51 28.02 18.38 1.14
CA GLY B 51 28.30 18.51 2.56
C GLY B 51 28.77 17.27 3.31
N MET B 52 27.89 16.28 3.41
CA MET B 52 28.19 15.03 4.12
C MET B 52 29.59 14.51 3.87
N PRO B 53 30.17 13.81 4.85
CA PRO B 53 31.52 13.22 4.79
C PRO B 53 31.73 12.23 3.64
N PHE B 54 32.37 11.11 3.95
CA PHE B 54 32.65 10.06 2.97
C PHE B 54 33.58 10.55 1.87
N ALA B 55 34.25 11.67 2.12
CA ALA B 55 35.17 12.26 1.15
C ALA B 55 36.63 11.97 1.50
N ASP B 56 37.42 13.03 1.64
CA ASP B 56 38.84 12.92 1.95
C ASP B 56 39.07 12.46 3.40
N SER B 57 38.80 11.18 3.65
CA SER B 57 38.95 10.59 4.97
C SER B 57 39.01 9.08 4.75
N TYR B 58 38.24 8.63 3.76
CA TYR B 58 38.17 7.23 3.37
C TYR B 58 39.00 7.03 2.11
N ILE B 59 38.83 7.94 1.15
CA ILE B 59 39.56 7.89 -0.11
C ILE B 59 41.05 8.09 0.12
N LYS B 60 41.38 8.73 1.25
CA LYS B 60 42.77 9.00 1.61
C LYS B 60 43.32 7.97 2.58
N SER B 61 42.44 7.37 3.38
CA SER B 61 42.85 6.37 4.34
C SER B 61 43.23 5.07 3.64
N VAL B 62 42.38 4.62 2.71
CA VAL B 62 42.66 3.39 1.98
C VAL B 62 43.92 3.59 1.15
N LEU B 63 44.32 4.84 1.01
CA LEU B 63 45.50 5.20 0.24
C LEU B 63 46.78 4.95 1.00
N ALA B 64 47.20 3.68 1.02
CA ALA B 64 48.42 3.25 1.69
C ALA B 64 49.59 3.90 0.95
N SER B 65 49.46 5.20 0.73
CA SER B 65 50.47 5.98 0.04
C SER B 65 50.82 5.34 -1.29
N GLN B 66 50.01 4.40 -1.74
CA GLN B 66 50.23 3.71 -3.00
C GLN B 66 50.88 4.70 -3.98
N PRO B 67 52.20 4.57 -4.19
CA PRO B 67 53.02 5.41 -5.07
C PRO B 67 52.39 5.86 -6.38
N GLN B 68 51.70 4.95 -7.04
CA GLN B 68 51.12 5.26 -8.34
C GLN B 68 49.73 5.91 -8.30
N ILE B 69 49.14 6.00 -7.11
CA ILE B 69 47.82 6.58 -6.99
C ILE B 69 47.86 7.91 -6.23
N GLN B 70 47.49 8.99 -6.90
CA GLN B 70 47.48 10.30 -6.28
C GLN B 70 46.04 10.74 -6.02
N LEU B 71 45.86 11.62 -5.02
CA LEU B 71 44.53 12.11 -4.66
C LEU B 71 44.49 13.63 -4.77
N ILE B 72 43.43 14.15 -5.40
CA ILE B 72 43.26 15.58 -5.56
C ILE B 72 41.83 15.97 -5.19
N ASP B 73 41.71 16.93 -4.29
CA ASP B 73 40.42 17.41 -3.85
C ASP B 73 39.96 18.59 -4.69
N LEU B 74 38.77 18.48 -5.26
CA LEU B 74 38.20 19.57 -6.04
C LEU B 74 37.47 20.44 -5.04
N PRO B 75 37.63 21.78 -5.12
CA PRO B 75 36.95 22.69 -4.20
C PRO B 75 35.46 22.35 -4.09
N GLU B 76 34.86 22.60 -2.92
CA GLU B 76 33.44 22.31 -2.73
C GLU B 76 32.58 23.28 -3.53
N VAL B 77 31.33 22.92 -3.79
CA VAL B 77 30.43 23.78 -4.55
C VAL B 77 29.00 23.84 -4.00
N GLU B 78 28.28 24.90 -4.34
CA GLU B 78 26.90 25.08 -3.90
C GLU B 78 26.01 24.00 -4.50
N PRO B 79 25.59 23.03 -3.68
CA PRO B 79 24.75 21.94 -4.17
C PRO B 79 23.47 22.45 -4.81
N PRO B 80 22.75 21.59 -5.55
CA PRO B 80 21.50 21.96 -6.22
C PRO B 80 20.41 22.45 -5.25
N PRO B 81 19.38 23.14 -5.78
CA PRO B 81 18.24 23.70 -5.05
C PRO B 81 17.40 22.82 -4.12
N GLN B 82 17.98 21.75 -3.59
CA GLN B 82 17.27 20.86 -2.66
C GLN B 82 15.83 20.58 -3.10
N GLU B 83 15.50 20.99 -4.32
CA GLU B 83 14.18 20.81 -4.88
C GLU B 83 14.20 19.57 -5.76
N LEU B 84 15.34 19.37 -6.43
CA LEU B 84 15.51 18.23 -7.31
C LEU B 84 15.59 16.91 -6.55
N LEU B 85 15.57 16.99 -5.22
CA LEU B 85 15.65 15.78 -4.41
C LEU B 85 14.50 14.83 -4.72
N LYS B 86 13.50 15.32 -5.46
CA LYS B 86 12.37 14.49 -5.86
C LYS B 86 12.96 13.30 -6.61
N SER B 87 14.06 13.56 -7.31
CA SER B 87 14.77 12.55 -8.08
C SER B 87 16.25 12.51 -7.67
N PRO B 88 16.67 11.41 -7.01
CA PRO B 88 18.08 11.32 -6.60
C PRO B 88 18.96 11.43 -7.84
N GLU B 89 18.60 10.66 -8.86
CA GLU B 89 19.30 10.66 -10.14
C GLU B 89 19.48 12.08 -10.67
N PHE B 90 18.38 12.78 -10.90
CA PHE B 90 18.45 14.14 -11.42
C PHE B 90 19.16 15.10 -10.48
N TYR B 91 19.33 14.71 -9.22
CA TYR B 91 20.00 15.55 -8.23
C TYR B 91 21.52 15.49 -8.45
N ILE B 92 22.05 14.27 -8.50
CA ILE B 92 23.48 14.02 -8.71
C ILE B 92 23.95 14.57 -10.05
N LEU B 93 23.23 14.20 -11.11
CA LEU B 93 23.54 14.64 -12.44
C LEU B 93 23.76 16.15 -12.49
N THR B 94 22.92 16.88 -11.76
CA THR B 94 23.03 18.33 -11.71
C THR B 94 24.23 18.78 -10.88
N PHE B 95 24.39 18.20 -9.69
CA PHE B 95 25.49 18.56 -8.82
C PHE B 95 26.82 18.30 -9.54
N LEU B 96 26.92 17.16 -10.21
CA LEU B 96 28.14 16.81 -10.92
C LEU B 96 28.40 17.77 -12.07
N GLU B 97 27.37 18.04 -12.87
CA GLU B 97 27.52 18.96 -14.00
C GLU B 97 27.96 20.33 -13.52
N SER B 98 27.69 20.66 -12.25
CA SER B 98 28.09 21.95 -11.70
C SER B 98 29.59 21.90 -11.40
N LEU B 99 30.13 20.69 -11.30
CA LEU B 99 31.55 20.49 -11.02
C LEU B 99 32.39 20.53 -12.29
N ILE B 100 31.74 20.72 -13.44
CA ILE B 100 32.44 20.77 -14.73
C ILE B 100 33.56 21.81 -14.78
N PRO B 101 33.24 23.08 -14.47
CA PRO B 101 34.25 24.13 -14.49
C PRO B 101 35.52 23.76 -13.71
N HIS B 102 35.31 23.18 -12.54
CA HIS B 102 36.43 22.76 -11.70
C HIS B 102 37.14 21.58 -12.31
N VAL B 103 36.37 20.58 -12.73
CA VAL B 103 36.93 19.41 -13.35
C VAL B 103 37.85 19.85 -14.49
N LYS B 104 37.30 20.62 -15.43
CA LYS B 104 38.09 21.11 -16.56
C LYS B 104 39.32 21.82 -16.04
N ALA B 105 39.09 22.77 -15.16
CA ALA B 105 40.15 23.57 -14.56
C ALA B 105 41.30 22.73 -14.04
N THR B 106 40.97 21.71 -13.25
CA THR B 106 41.95 20.82 -12.65
C THR B 106 42.74 19.99 -13.66
N ILE B 107 42.06 19.50 -14.70
CA ILE B 107 42.72 18.69 -15.71
C ILE B 107 43.76 19.51 -16.46
N LYS B 108 43.37 20.71 -16.88
CA LYS B 108 44.28 21.60 -17.59
C LYS B 108 45.55 21.82 -16.74
N THR B 109 45.36 22.00 -15.44
CA THR B 109 46.47 22.22 -14.51
C THR B 109 47.45 21.05 -14.37
N ILE B 110 47.01 19.84 -14.70
CA ILE B 110 47.90 18.70 -14.57
C ILE B 110 48.05 17.96 -15.88
N LEU B 111 47.47 18.50 -16.95
CA LEU B 111 47.55 17.85 -18.25
C LEU B 111 48.97 17.82 -18.79
N SER B 112 49.39 16.64 -19.27
CA SER B 112 50.71 16.44 -19.83
C SER B 112 50.56 15.42 -20.94
N ASN B 113 51.54 15.33 -21.83
CA ASN B 113 51.44 14.37 -22.92
C ASN B 113 51.44 12.92 -22.38
N LYS B 114 51.39 12.78 -21.06
CA LYS B 114 51.38 11.46 -20.43
C LYS B 114 49.95 11.04 -20.02
N VAL B 115 49.06 12.02 -19.96
CA VAL B 115 47.66 11.78 -19.64
C VAL B 115 47.04 10.95 -20.78
N VAL B 116 46.76 9.68 -20.55
CA VAL B 116 46.19 8.85 -21.61
C VAL B 116 44.68 8.64 -21.65
N GLY B 117 43.94 9.30 -20.76
CA GLY B 117 42.50 9.15 -20.76
C GLY B 117 41.87 9.40 -19.41
N LEU B 118 40.56 9.61 -19.41
CA LEU B 118 39.79 9.84 -18.19
C LEU B 118 38.95 8.61 -17.92
N VAL B 119 38.85 8.23 -16.65
CA VAL B 119 38.02 7.11 -16.27
C VAL B 119 36.86 7.74 -15.49
N LEU B 120 35.65 7.61 -16.06
CA LEU B 120 34.46 8.20 -15.45
C LEU B 120 33.41 7.26 -14.88
N ASP B 121 32.80 7.70 -13.79
CA ASP B 121 31.76 6.91 -13.17
C ASP B 121 30.55 7.06 -14.09
N PHE B 122 29.58 6.16 -13.99
CA PHE B 122 28.41 6.26 -14.84
C PHE B 122 27.68 7.60 -14.65
N PHE B 123 27.61 8.09 -13.41
CA PHE B 123 26.95 9.36 -13.14
C PHE B 123 27.76 10.59 -13.55
N CYS B 124 29.01 10.38 -13.96
CA CYS B 124 29.88 11.47 -14.37
C CYS B 124 30.15 11.48 -15.88
N VAL B 125 29.54 10.52 -16.58
CA VAL B 125 29.72 10.36 -18.01
C VAL B 125 29.46 11.60 -18.85
N SER B 126 28.89 12.63 -18.24
CA SER B 126 28.64 13.86 -18.97
C SER B 126 29.97 14.58 -19.16
N MET B 127 30.91 14.36 -18.24
CA MET B 127 32.23 14.98 -18.32
C MET B 127 33.05 14.54 -19.52
N ILE B 128 32.49 13.65 -20.33
CA ILE B 128 33.21 13.19 -21.52
C ILE B 128 33.55 14.38 -22.43
N ASP B 129 32.75 15.45 -22.36
CA ASP B 129 32.99 16.63 -23.18
C ASP B 129 34.20 17.43 -22.69
N VAL B 130 34.59 17.24 -21.42
CA VAL B 130 35.78 17.92 -20.92
C VAL B 130 36.98 17.20 -21.50
N GLY B 131 37.01 15.87 -21.35
CA GLY B 131 38.10 15.10 -21.90
C GLY B 131 38.23 15.37 -23.38
N ASN B 132 37.11 15.52 -24.07
CA ASN B 132 37.10 15.79 -25.48
C ASN B 132 37.85 17.08 -25.78
N GLU B 133 37.62 18.10 -24.97
CA GLU B 133 38.30 19.38 -25.15
C GLU B 133 39.81 19.28 -25.06
N PHE B 134 40.31 18.30 -24.30
CA PHE B 134 41.74 18.13 -24.16
C PHE B 134 42.27 16.99 -25.02
N GLY B 135 41.42 16.45 -25.89
CA GLY B 135 41.83 15.36 -26.75
C GLY B 135 42.09 14.09 -25.97
N ILE B 136 41.45 13.96 -24.81
CA ILE B 136 41.62 12.80 -23.94
C ILE B 136 40.45 11.83 -24.02
N PRO B 137 40.71 10.58 -24.43
CA PRO B 137 39.60 9.63 -24.54
C PRO B 137 39.04 9.34 -23.16
N SER B 138 37.75 9.01 -23.10
CA SER B 138 37.10 8.69 -21.85
C SER B 138 36.62 7.25 -21.83
N TYR B 139 36.78 6.64 -20.67
CA TYR B 139 36.37 5.27 -20.41
C TYR B 139 35.26 5.31 -19.36
N LEU B 140 34.32 4.38 -19.42
CA LEU B 140 33.25 4.37 -18.44
C LEU B 140 33.53 3.30 -17.39
N PHE B 141 33.33 3.64 -16.13
CA PHE B 141 33.52 2.69 -15.02
C PHE B 141 32.12 2.49 -14.40
N LEU B 142 31.59 1.29 -14.56
CA LEU B 142 30.26 0.96 -14.04
C LEU B 142 30.40 0.13 -12.77
N THR B 143 29.95 0.64 -11.64
CA THR B 143 30.05 -0.11 -10.40
C THR B 143 28.92 -1.16 -10.32
N SER B 144 28.02 -1.13 -11.30
CA SER B 144 26.92 -2.08 -11.35
C SER B 144 27.30 -3.21 -12.30
N ASN B 145 26.31 -3.91 -12.85
CA ASN B 145 26.55 -5.05 -13.73
C ASN B 145 26.22 -4.81 -15.20
N VAL B 146 26.52 -5.81 -16.03
CA VAL B 146 26.28 -5.67 -17.46
C VAL B 146 24.80 -5.60 -17.80
N GLY B 147 23.98 -6.21 -16.96
CA GLY B 147 22.55 -6.17 -17.19
C GLY B 147 22.04 -4.75 -17.09
N PHE B 148 22.65 -3.97 -16.21
CA PHE B 148 22.26 -2.58 -15.99
C PHE B 148 22.69 -1.77 -17.19
N LEU B 149 23.87 -2.10 -17.71
CA LEU B 149 24.41 -1.43 -18.87
C LEU B 149 23.41 -1.61 -19.99
N SER B 150 23.02 -2.86 -20.22
CA SER B 150 22.06 -3.15 -21.27
C SER B 150 20.82 -2.30 -21.09
N LEU B 151 20.21 -2.35 -19.91
CA LEU B 151 19.04 -1.53 -19.68
C LEU B 151 19.31 -0.11 -20.15
N MET B 152 20.47 0.42 -19.79
CA MET B 152 20.85 1.76 -20.18
C MET B 152 21.05 1.86 -21.69
N LEU B 153 21.80 0.93 -22.24
CA LEU B 153 22.05 0.93 -23.67
C LEU B 153 20.78 0.63 -24.47
N SER B 154 19.69 0.27 -23.78
CA SER B 154 18.44 -0.06 -24.47
C SER B 154 17.53 1.16 -24.62
N LEU B 155 17.86 2.23 -23.89
CA LEU B 155 17.07 3.46 -23.95
C LEU B 155 17.25 4.29 -25.23
N LYS B 156 18.08 3.81 -26.15
CA LYS B 156 18.31 4.53 -27.40
C LYS B 156 17.02 4.55 -28.23
N ASN B 157 16.10 3.62 -27.94
CA ASN B 157 14.83 3.53 -28.66
C ASN B 157 13.73 4.31 -27.96
N ARG B 158 14.12 5.34 -27.21
CA ARG B 158 13.15 6.15 -26.49
C ARG B 158 13.11 7.59 -27.01
N GLN B 159 12.28 8.42 -26.39
CA GLN B 159 12.11 9.81 -26.80
C GLN B 159 12.90 10.80 -25.93
N ILE B 160 12.20 11.78 -25.36
CA ILE B 160 12.82 12.78 -24.52
C ILE B 160 11.83 13.29 -23.46
N GLU B 161 10.55 13.23 -23.78
CA GLU B 161 9.51 13.67 -22.87
C GLU B 161 8.88 12.47 -22.15
N GLU B 162 8.88 11.33 -22.82
CA GLU B 162 8.33 10.09 -22.27
C GLU B 162 9.09 9.71 -21.00
N VAL B 163 8.62 8.68 -20.31
CA VAL B 163 9.25 8.19 -19.09
C VAL B 163 8.95 6.72 -18.84
N PHE B 164 9.41 5.86 -19.75
CA PHE B 164 9.23 4.40 -19.67
C PHE B 164 7.85 3.99 -19.16
N ASP B 165 6.98 3.56 -20.09
CA ASP B 165 5.63 3.13 -19.75
C ASP B 165 4.80 4.29 -19.22
N ASP B 166 5.44 5.46 -19.11
CA ASP B 166 4.77 6.66 -18.61
C ASP B 166 4.27 6.42 -17.19
N SER B 167 5.08 5.72 -16.40
CA SER B 167 4.76 5.40 -15.01
C SER B 167 3.60 4.41 -14.90
N ASP B 168 3.17 3.87 -16.05
CA ASP B 168 2.07 2.90 -16.08
C ASP B 168 2.61 1.48 -16.19
N ARG B 169 2.98 0.89 -15.06
CA ARG B 169 3.50 -0.47 -15.04
C ARG B 169 2.56 -1.41 -14.30
N ASP B 170 2.49 -2.65 -14.75
CA ASP B 170 1.63 -3.65 -14.15
C ASP B 170 2.19 -5.06 -14.35
N HIS B 171 1.89 -5.64 -15.52
CA HIS B 171 2.34 -6.99 -15.84
C HIS B 171 2.81 -7.11 -17.29
N GLN B 172 3.31 -6.01 -17.85
CA GLN B 172 3.78 -6.00 -19.24
C GLN B 172 5.28 -6.27 -19.34
N LEU B 173 5.65 -7.26 -20.14
CA LEU B 173 7.04 -7.64 -20.31
C LEU B 173 7.77 -6.80 -21.38
N LEU B 174 9.04 -6.52 -21.12
CA LEU B 174 9.87 -5.74 -22.05
C LEU B 174 11.01 -6.63 -22.52
N ASN B 175 11.47 -6.43 -23.74
CA ASN B 175 12.58 -7.22 -24.26
C ASN B 175 13.77 -6.29 -24.43
N ILE B 176 14.80 -6.51 -23.64
CA ILE B 176 15.99 -5.66 -23.71
C ILE B 176 17.24 -6.46 -24.02
N PRO B 177 17.95 -6.09 -25.10
CA PRO B 177 19.18 -6.77 -25.54
C PRO B 177 20.24 -6.71 -24.45
N GLY B 178 20.60 -7.87 -23.92
CA GLY B 178 21.58 -7.95 -22.87
C GLY B 178 21.13 -8.99 -21.87
N ILE B 179 19.90 -8.84 -21.37
CA ILE B 179 19.34 -9.80 -20.42
C ILE B 179 18.66 -10.87 -21.25
N SER B 180 18.88 -12.14 -20.90
CA SER B 180 18.27 -13.23 -21.66
C SER B 180 16.76 -13.35 -21.38
N ASN B 181 16.39 -13.27 -20.11
CA ASN B 181 14.99 -13.38 -19.71
C ASN B 181 14.18 -12.13 -20.08
N GLN B 182 12.88 -12.30 -20.30
CA GLN B 182 12.01 -11.18 -20.62
C GLN B 182 12.00 -10.37 -19.34
N VAL B 183 12.16 -9.06 -19.44
CA VAL B 183 12.17 -8.23 -18.25
C VAL B 183 10.88 -7.47 -17.96
N PRO B 184 10.26 -7.75 -16.80
CA PRO B 184 9.01 -7.13 -16.35
C PRO B 184 9.23 -5.65 -16.05
N SER B 185 8.15 -4.86 -16.08
CA SER B 185 8.25 -3.44 -15.82
C SER B 185 8.52 -3.11 -14.36
N ASN B 186 7.99 -3.95 -13.47
CA ASN B 186 8.16 -3.75 -12.03
C ASN B 186 9.57 -3.92 -11.47
N VAL B 187 10.50 -4.42 -12.30
CA VAL B 187 11.87 -4.58 -11.85
C VAL B 187 12.74 -3.43 -12.35
N LEU B 188 12.18 -2.61 -13.22
CA LEU B 188 12.89 -1.45 -13.74
C LEU B 188 13.14 -0.46 -12.61
N PRO B 189 14.30 0.21 -12.61
CA PRO B 189 14.67 1.19 -11.58
C PRO B 189 13.57 2.23 -11.34
N ASP B 190 13.68 2.98 -10.24
CA ASP B 190 12.68 4.02 -9.93
C ASP B 190 12.73 5.16 -10.95
N ALA B 191 13.94 5.54 -11.37
CA ALA B 191 14.12 6.63 -12.31
C ALA B 191 13.42 6.40 -13.65
N CYS B 192 13.17 5.14 -14.00
CA CYS B 192 12.50 4.82 -15.26
C CYS B 192 11.08 5.35 -15.30
N PHE B 193 10.49 5.54 -14.13
CA PHE B 193 9.14 6.03 -14.02
C PHE B 193 9.11 7.46 -13.48
N ASN B 194 10.20 7.85 -12.84
CA ASN B 194 10.32 9.18 -12.26
C ASN B 194 10.22 10.27 -13.33
N LYS B 195 9.00 10.71 -13.60
CA LYS B 195 8.76 11.75 -14.60
C LYS B 195 9.11 13.13 -14.02
N ASP B 196 10.03 13.13 -13.06
CA ASP B 196 10.47 14.37 -12.40
C ASP B 196 11.99 14.53 -12.54
N GLY B 197 12.51 14.07 -13.68
CA GLY B 197 13.93 14.17 -13.92
C GLY B 197 14.65 12.85 -13.81
N GLY B 198 13.95 11.84 -13.34
CA GLY B 198 14.54 10.53 -13.19
C GLY B 198 14.91 9.90 -14.52
N TYR B 199 13.93 9.83 -15.42
CA TYR B 199 14.15 9.23 -16.73
C TYR B 199 15.08 10.12 -17.54
N ILE B 200 15.01 11.43 -17.27
CA ILE B 200 15.85 12.39 -17.97
C ILE B 200 17.32 12.06 -17.75
N ALA B 201 17.70 11.98 -16.47
CA ALA B 201 19.06 11.67 -16.08
C ALA B 201 19.55 10.37 -16.74
N TYR B 202 18.87 9.26 -16.49
CA TYR B 202 19.26 7.99 -17.08
C TYR B 202 19.47 8.12 -18.59
N TYR B 203 18.62 8.92 -19.24
CA TYR B 203 18.72 9.14 -20.68
C TYR B 203 19.93 10.01 -21.03
N LYS B 204 20.04 11.18 -20.42
CA LYS B 204 21.15 12.09 -20.65
C LYS B 204 22.48 11.34 -20.50
N LEU B 205 22.56 10.50 -19.47
CA LEU B 205 23.77 9.74 -19.20
C LEU B 205 24.00 8.60 -20.17
N ALA B 206 22.98 7.77 -20.39
CA ALA B 206 23.13 6.64 -21.30
C ALA B 206 23.41 7.09 -22.73
N GLU B 207 23.05 8.34 -23.04
CA GLU B 207 23.27 8.89 -24.35
C GLU B 207 24.72 8.75 -24.80
N ARG B 208 25.63 8.97 -23.86
CA ARG B 208 27.06 8.95 -24.12
C ARG B 208 27.80 7.64 -23.93
N PHE B 209 27.14 6.61 -23.43
CA PHE B 209 27.81 5.33 -23.26
C PHE B 209 28.57 4.91 -24.53
N ARG B 210 27.88 4.95 -25.66
CA ARG B 210 28.50 4.57 -26.92
C ARG B 210 29.57 5.54 -27.39
N ASP B 211 29.82 6.60 -26.63
CA ASP B 211 30.84 7.57 -27.02
C ASP B 211 32.16 7.38 -26.28
N THR B 212 32.21 6.43 -25.36
CA THR B 212 33.42 6.19 -24.60
C THR B 212 34.32 5.27 -25.37
N LYS B 213 35.60 5.26 -25.02
CA LYS B 213 36.56 4.42 -25.71
C LYS B 213 36.42 2.96 -25.30
N GLY B 214 35.89 2.75 -24.11
CA GLY B 214 35.67 1.41 -23.60
C GLY B 214 34.80 1.49 -22.37
N ILE B 215 34.05 0.44 -22.09
CA ILE B 215 33.18 0.43 -20.92
C ILE B 215 33.71 -0.68 -20.02
N ILE B 216 34.05 -0.33 -18.79
CA ILE B 216 34.56 -1.33 -17.90
C ILE B 216 33.50 -1.61 -16.84
N VAL B 217 33.29 -2.90 -16.57
CA VAL B 217 32.25 -3.32 -15.63
C VAL B 217 32.70 -4.17 -14.47
N ASN B 218 32.15 -3.88 -13.30
CA ASN B 218 32.50 -4.63 -12.12
C ASN B 218 31.70 -5.93 -12.09
N THR B 219 32.12 -6.89 -12.91
CA THR B 219 31.49 -8.18 -12.97
C THR B 219 32.51 -9.13 -13.59
N PHE B 220 32.16 -10.40 -13.75
CA PHE B 220 33.09 -11.31 -14.37
C PHE B 220 32.43 -12.05 -15.50
N SER B 221 33.26 -12.68 -16.33
CA SER B 221 32.81 -13.44 -17.48
C SER B 221 31.86 -14.58 -17.10
N ASP B 222 32.34 -15.49 -16.25
CA ASP B 222 31.51 -16.63 -15.84
C ASP B 222 30.12 -16.18 -15.41
N LEU B 223 29.98 -14.91 -15.06
CA LEU B 223 28.68 -14.42 -14.63
C LEU B 223 27.86 -13.73 -15.73
N GLU B 224 28.51 -12.98 -16.63
CA GLU B 224 27.77 -12.27 -17.66
C GLU B 224 28.35 -12.22 -19.07
N GLN B 225 29.26 -13.11 -19.43
CA GLN B 225 29.83 -13.06 -20.77
C GLN B 225 28.70 -13.13 -21.81
N SER B 226 27.69 -13.94 -21.50
CA SER B 226 26.54 -14.14 -22.36
C SER B 226 25.81 -12.85 -22.74
N SER B 227 25.77 -11.90 -21.81
CA SER B 227 25.11 -10.62 -22.05
C SER B 227 26.05 -9.70 -22.83
N ILE B 228 27.33 -9.77 -22.50
CA ILE B 228 28.35 -8.96 -23.16
C ILE B 228 28.37 -9.33 -24.65
N ASP B 229 28.30 -10.63 -24.92
CA ASP B 229 28.32 -11.10 -26.29
C ASP B 229 27.03 -10.69 -26.99
N ALA B 230 25.93 -10.65 -26.26
CA ALA B 230 24.65 -10.26 -26.84
C ALA B 230 24.62 -8.76 -27.14
N LEU B 231 25.22 -7.96 -26.27
CA LEU B 231 25.26 -6.52 -26.51
C LEU B 231 26.06 -6.23 -27.78
N TYR B 232 27.16 -6.96 -27.97
CA TYR B 232 27.97 -6.78 -29.16
C TYR B 232 27.16 -7.25 -30.36
N ASP B 233 26.81 -8.53 -30.33
CA ASP B 233 26.06 -9.17 -31.39
C ASP B 233 24.89 -8.30 -31.81
N HIS B 234 24.28 -7.61 -30.85
CA HIS B 234 23.13 -6.76 -31.15
C HIS B 234 23.51 -5.36 -31.65
N ASP B 235 24.72 -4.93 -31.39
CA ASP B 235 25.11 -3.61 -31.83
C ASP B 235 26.63 -3.46 -31.93
N GLU B 236 27.07 -2.83 -33.01
CA GLU B 236 28.49 -2.64 -33.26
C GLU B 236 28.97 -1.26 -32.84
N LYS B 237 28.05 -0.33 -32.66
CA LYS B 237 28.41 1.02 -32.26
C LYS B 237 28.82 1.06 -30.78
N ILE B 238 28.78 -0.11 -30.14
CA ILE B 238 29.13 -0.26 -28.72
C ILE B 238 30.62 -0.53 -28.53
N PRO B 239 31.28 0.26 -27.69
CA PRO B 239 32.71 0.05 -27.45
C PRO B 239 32.97 -1.22 -26.65
N PRO B 240 34.22 -1.69 -26.65
CA PRO B 240 34.54 -2.92 -25.91
C PRO B 240 34.14 -2.82 -24.45
N ILE B 241 33.76 -3.97 -23.90
CA ILE B 241 33.38 -4.08 -22.51
C ILE B 241 34.45 -4.89 -21.77
N TYR B 242 34.86 -4.40 -20.59
CA TYR B 242 35.88 -5.06 -19.80
C TYR B 242 35.38 -5.53 -18.44
N ALA B 243 35.18 -6.84 -18.29
CA ALA B 243 34.74 -7.38 -17.02
C ALA B 243 36.03 -7.56 -16.23
N VAL B 244 36.17 -6.81 -15.15
CA VAL B 244 37.38 -6.86 -14.34
C VAL B 244 37.06 -7.09 -12.86
N GLY B 245 35.82 -7.45 -12.58
CA GLY B 245 35.44 -7.69 -11.20
C GLY B 245 35.62 -9.14 -10.80
N PRO B 246 35.25 -9.50 -9.56
CA PRO B 246 34.67 -8.60 -8.59
C PRO B 246 35.69 -7.54 -8.19
N LEU B 247 35.21 -6.41 -7.69
CA LEU B 247 36.07 -5.34 -7.23
C LEU B 247 35.61 -5.09 -5.81
N LEU B 248 36.17 -5.83 -4.85
CA LEU B 248 35.75 -5.72 -3.48
C LEU B 248 36.73 -5.13 -2.51
N ASP B 249 36.20 -4.50 -1.48
CA ASP B 249 36.99 -3.92 -0.42
C ASP B 249 36.90 -4.92 0.71
N LEU B 250 37.72 -5.97 0.64
CA LEU B 250 37.72 -7.02 1.66
C LEU B 250 38.25 -6.51 2.99
N LYS B 251 38.87 -5.35 2.97
CA LYS B 251 39.41 -4.73 4.18
C LYS B 251 38.22 -4.29 5.03
N GLY B 252 37.41 -3.38 4.50
CA GLY B 252 36.27 -2.87 5.22
C GLY B 252 36.47 -1.44 5.67
N GLN B 253 35.64 -0.54 5.17
CA GLN B 253 35.72 0.87 5.52
C GLN B 253 35.80 1.04 7.04
N PRO B 254 36.86 1.69 7.55
CA PRO B 254 36.98 1.88 8.99
C PRO B 254 35.74 2.49 9.63
N ASN B 255 35.44 3.74 9.29
CA ASN B 255 34.27 4.44 9.83
C ASN B 255 32.98 3.95 9.19
N PRO B 256 31.81 4.34 9.74
CA PRO B 256 31.56 5.19 10.92
C PRO B 256 32.01 4.57 12.25
N LYS B 257 33.16 3.89 12.22
CA LYS B 257 33.73 3.25 13.40
C LYS B 257 35.12 3.83 13.70
N LEU B 258 35.19 4.83 14.57
CA LEU B 258 36.47 5.44 14.92
C LEU B 258 37.35 4.47 15.71
N ASP B 259 36.71 3.63 16.53
CA ASP B 259 37.45 2.65 17.33
C ASP B 259 36.98 1.25 16.94
N GLN B 260 36.14 0.64 17.78
CA GLN B 260 35.61 -0.70 17.51
C GLN B 260 34.90 -1.30 18.73
N ALA B 261 34.43 -0.44 19.63
CA ALA B 261 33.73 -0.93 20.81
C ALA B 261 32.60 -1.86 20.38
N GLN B 262 31.83 -1.42 19.39
CA GLN B 262 30.71 -2.20 18.85
C GLN B 262 31.19 -3.23 17.82
N HIS B 263 32.19 -2.84 17.05
CA HIS B 263 32.78 -3.72 16.03
C HIS B 263 33.13 -5.06 16.65
N ASP B 264 33.59 -5.02 17.89
CA ASP B 264 33.96 -6.23 18.62
C ASP B 264 32.71 -6.96 19.12
N LEU B 265 31.68 -6.20 19.47
CA LEU B 265 30.45 -6.79 19.97
C LEU B 265 29.80 -7.71 18.94
N ILE B 266 29.70 -7.21 17.71
CA ILE B 266 29.10 -7.96 16.62
C ILE B 266 29.84 -9.27 16.31
N LEU B 267 31.15 -9.19 16.16
CA LEU B 267 31.96 -10.36 15.85
C LEU B 267 32.03 -11.37 16.97
N LYS B 268 32.15 -10.88 18.21
CA LYS B 268 32.21 -11.78 19.35
C LYS B 268 30.91 -12.55 19.43
N TRP B 269 29.80 -11.87 19.11
CA TRP B 269 28.48 -12.50 19.14
C TRP B 269 28.37 -13.58 18.07
N LEU B 270 28.92 -13.29 16.90
CA LEU B 270 28.86 -14.24 15.81
C LEU B 270 29.78 -15.42 16.08
N ASP B 271 30.83 -15.17 16.86
CA ASP B 271 31.77 -16.24 17.19
C ASP B 271 31.14 -17.31 18.08
N GLU B 272 30.02 -16.98 18.72
CA GLU B 272 29.34 -17.94 19.61
C GLU B 272 28.20 -18.72 18.98
N GLN B 273 27.88 -18.43 17.72
CA GLN B 273 26.78 -19.11 17.06
C GLN B 273 27.19 -20.36 16.29
N PRO B 274 26.29 -21.34 16.19
CA PRO B 274 26.59 -22.58 15.46
C PRO B 274 26.99 -22.19 14.04
N ASP B 275 27.74 -23.03 13.36
CA ASP B 275 28.15 -22.70 12.02
C ASP B 275 27.01 -22.63 11.01
N LYS B 276 27.02 -21.56 10.21
CA LYS B 276 26.04 -21.30 9.16
C LYS B 276 24.58 -21.28 9.60
N SER B 277 24.35 -20.86 10.84
CA SER B 277 23.00 -20.81 11.41
C SER B 277 22.42 -19.42 11.43
N VAL B 278 23.26 -18.42 11.23
CA VAL B 278 22.83 -17.03 11.28
C VAL B 278 22.50 -16.42 9.92
N VAL B 279 21.42 -15.65 9.89
CA VAL B 279 21.01 -14.95 8.69
C VAL B 279 21.24 -13.48 8.96
N PHE B 280 22.03 -12.87 8.10
CA PHE B 280 22.38 -11.47 8.20
C PHE B 280 21.46 -10.60 7.34
N LEU B 281 20.86 -9.58 7.96
CA LEU B 281 20.00 -8.65 7.26
C LEU B 281 20.70 -7.29 7.33
N CYS B 282 20.79 -6.62 6.19
CA CYS B 282 21.44 -5.32 6.10
C CYS B 282 20.92 -4.74 4.80
N PHE B 283 20.50 -3.47 4.82
CA PHE B 283 19.92 -2.87 3.63
C PHE B 283 20.59 -1.66 2.98
N GLY B 284 21.90 -1.75 2.78
CA GLY B 284 22.63 -0.67 2.13
C GLY B 284 23.23 0.42 3.00
N SER B 285 24.18 1.16 2.42
CA SER B 285 24.87 2.24 3.12
C SER B 285 23.96 3.44 3.40
N MET B 286 23.23 3.89 2.38
CA MET B 286 22.31 5.02 2.52
C MET B 286 21.53 4.89 3.84
N GLY B 287 21.22 3.66 4.21
CA GLY B 287 20.49 3.40 5.42
C GLY B 287 19.00 3.63 5.28
N VAL B 288 18.46 3.26 4.13
CA VAL B 288 17.02 3.44 3.87
C VAL B 288 16.23 2.75 4.97
N SER B 289 15.84 3.52 5.98
CA SER B 289 15.07 2.98 7.10
C SER B 289 13.61 2.74 6.73
N PHE B 290 13.16 1.51 6.95
CA PHE B 290 11.78 1.11 6.68
C PHE B 290 10.96 1.78 7.76
N GLY B 291 9.67 1.97 7.49
CA GLY B 291 8.81 2.59 8.48
C GLY B 291 8.61 1.67 9.68
N PRO B 292 8.01 2.18 10.76
CA PRO B 292 7.80 1.33 11.93
C PRO B 292 7.08 0.03 11.62
N SER B 293 5.97 0.10 10.89
CA SER B 293 5.22 -1.11 10.56
C SER B 293 6.11 -2.17 9.95
N GLN B 294 6.86 -1.80 8.93
CA GLN B 294 7.74 -2.77 8.29
C GLN B 294 8.74 -3.34 9.29
N ILE B 295 9.30 -2.49 10.15
CA ILE B 295 10.25 -2.98 11.16
C ILE B 295 9.60 -4.02 12.09
N ARG B 296 8.43 -3.70 12.62
CA ARG B 296 7.73 -4.61 13.53
C ARG B 296 7.44 -5.93 12.84
N GLU B 297 7.05 -5.86 11.57
CA GLU B 297 6.75 -7.07 10.82
C GLU B 297 8.01 -7.88 10.54
N ILE B 298 9.13 -7.22 10.25
CA ILE B 298 10.36 -7.96 10.00
C ILE B 298 10.78 -8.60 11.32
N ALA B 299 10.58 -7.90 12.43
CA ALA B 299 10.95 -8.44 13.73
C ALA B 299 10.14 -9.69 14.08
N LEU B 300 8.82 -9.61 14.00
CA LEU B 300 7.98 -10.78 14.29
C LEU B 300 8.37 -11.91 13.37
N GLY B 301 8.52 -11.59 12.09
CA GLY B 301 8.92 -12.60 11.12
C GLY B 301 10.16 -13.34 11.57
N LEU B 302 11.14 -12.61 12.07
CA LEU B 302 12.38 -13.21 12.55
C LEU B 302 12.16 -14.14 13.73
N LYS B 303 11.41 -13.69 14.72
CA LYS B 303 11.16 -14.51 15.89
C LYS B 303 10.43 -15.81 15.53
N HIS B 304 9.35 -15.70 14.77
CA HIS B 304 8.62 -16.89 14.39
C HIS B 304 9.48 -17.88 13.64
N SER B 305 10.35 -17.37 12.75
CA SER B 305 11.21 -18.23 11.94
C SER B 305 12.12 -19.15 12.73
N GLY B 306 12.53 -18.71 13.91
CA GLY B 306 13.41 -19.52 14.74
C GLY B 306 14.87 -19.49 14.33
N VAL B 307 15.22 -18.71 13.31
CA VAL B 307 16.62 -18.62 12.87
C VAL B 307 17.39 -17.63 13.70
N ARG B 308 18.70 -17.84 13.83
CA ARG B 308 19.48 -16.87 14.60
C ARG B 308 19.69 -15.72 13.61
N PHE B 309 20.08 -14.53 14.09
CA PHE B 309 20.23 -13.42 13.16
C PHE B 309 20.95 -12.16 13.65
N LEU B 310 21.61 -11.48 12.72
CA LEU B 310 22.32 -10.25 12.98
C LEU B 310 21.63 -9.24 12.09
N TRP B 311 20.78 -8.42 12.67
CA TRP B 311 20.01 -7.45 11.91
C TRP B 311 20.58 -6.03 12.01
N SER B 312 20.95 -5.46 10.88
CA SER B 312 21.50 -4.12 10.84
C SER B 312 20.42 -3.16 10.44
N ASN B 313 20.16 -2.15 11.27
CA ASN B 313 19.13 -1.18 10.93
C ASN B 313 19.34 0.10 11.72
N SER B 314 18.53 1.10 11.41
CA SER B 314 18.63 2.40 12.08
C SER B 314 17.28 2.83 12.66
N ALA B 315 16.47 1.89 13.11
CA ALA B 315 15.18 2.23 13.67
C ALA B 315 15.29 2.45 15.17
N GLU B 316 14.53 3.39 15.70
CA GLU B 316 14.56 3.66 17.13
C GLU B 316 14.08 2.42 17.89
N LYS B 317 14.63 2.22 19.08
CA LYS B 317 14.28 1.05 19.89
C LYS B 317 12.81 0.91 20.24
N LYS B 318 12.13 2.03 20.45
CA LYS B 318 10.72 2.04 20.83
C LYS B 318 9.81 1.50 19.74
N VAL B 319 10.31 1.52 18.52
CA VAL B 319 9.57 1.06 17.36
C VAL B 319 9.27 -0.43 17.39
N PHE B 320 10.21 -1.23 17.89
CA PHE B 320 10.03 -2.69 17.90
C PHE B 320 8.84 -3.18 18.73
N PRO B 321 8.32 -4.37 18.39
CA PRO B 321 7.18 -4.97 19.07
C PRO B 321 7.58 -5.16 20.52
N GLU B 322 6.61 -5.10 21.42
CA GLU B 322 6.91 -5.25 22.83
C GLU B 322 7.43 -6.67 23.11
N GLY B 323 8.44 -6.77 23.96
CA GLY B 323 9.01 -8.08 24.27
C GLY B 323 10.18 -8.51 23.39
N PHE B 324 10.22 -7.98 22.17
CA PHE B 324 11.27 -8.30 21.20
C PHE B 324 12.69 -8.08 21.68
N LEU B 325 13.04 -6.84 22.02
CA LEU B 325 14.39 -6.52 22.48
C LEU B 325 14.83 -7.34 23.68
N GLU B 326 13.93 -7.52 24.65
CA GLU B 326 14.25 -8.31 25.83
C GLU B 326 14.57 -9.70 25.35
N TRP B 327 13.65 -10.25 24.56
CA TRP B 327 13.82 -11.59 24.03
C TRP B 327 15.17 -11.83 23.34
N MET B 328 15.73 -10.81 22.70
CA MET B 328 17.03 -10.95 22.04
C MET B 328 18.14 -11.00 23.07
N GLU B 329 18.12 -10.04 23.98
CA GLU B 329 19.14 -9.94 25.02
C GLU B 329 19.06 -11.03 26.09
N LEU B 330 18.01 -11.85 26.04
CA LEU B 330 17.83 -12.94 26.99
C LEU B 330 18.13 -14.28 26.34
N GLU B 331 17.31 -14.66 25.37
CA GLU B 331 17.49 -15.93 24.65
C GLU B 331 18.71 -15.85 23.73
N GLY B 332 19.15 -14.64 23.44
CA GLY B 332 20.31 -14.43 22.59
C GLY B 332 20.31 -15.06 21.20
N LYS B 333 19.15 -15.37 20.63
CA LYS B 333 19.11 -15.97 19.30
C LYS B 333 19.33 -14.94 18.21
N GLY B 334 19.22 -13.66 18.56
CA GLY B 334 19.40 -12.60 17.59
C GLY B 334 20.11 -11.40 18.17
N MET B 335 20.27 -10.36 17.34
CA MET B 335 20.93 -9.14 17.75
C MET B 335 20.77 -8.05 16.70
N ILE B 336 20.67 -6.81 17.14
CA ILE B 336 20.52 -5.69 16.22
C ILE B 336 21.74 -4.81 16.37
N CYS B 337 22.06 -4.07 15.32
CA CYS B 337 23.20 -3.19 15.31
C CYS B 337 23.03 -2.14 14.24
N GLY B 338 23.83 -1.07 14.32
CA GLY B 338 23.77 -0.01 13.33
C GLY B 338 24.76 -0.41 12.26
N TRP B 339 25.50 0.55 11.70
CA TRP B 339 26.47 0.23 10.66
C TRP B 339 27.22 -1.05 10.98
N ALA B 340 27.42 -1.89 9.98
CA ALA B 340 28.09 -3.17 10.20
C ALA B 340 29.27 -3.47 9.31
N PRO B 341 30.14 -4.37 9.78
CA PRO B 341 31.32 -4.74 9.00
C PRO B 341 30.94 -5.79 7.96
N GLN B 342 29.92 -5.49 7.16
CA GLN B 342 29.39 -6.40 6.14
C GLN B 342 30.37 -7.46 5.61
N VAL B 343 31.49 -7.02 5.03
CA VAL B 343 32.47 -7.97 4.50
C VAL B 343 33.03 -8.87 5.59
N GLU B 344 33.32 -8.28 6.74
CA GLU B 344 33.83 -9.07 7.85
C GLU B 344 32.74 -10.05 8.27
N VAL B 345 31.51 -9.56 8.28
CA VAL B 345 30.34 -10.37 8.67
C VAL B 345 30.11 -11.52 7.67
N LEU B 346 29.90 -11.18 6.40
CA LEU B 346 29.67 -12.21 5.39
C LEU B 346 30.82 -13.21 5.36
N ALA B 347 31.97 -12.76 5.79
CA ALA B 347 33.14 -13.62 5.84
C ALA B 347 33.04 -14.57 7.03
N HIS B 348 32.27 -14.20 8.05
CA HIS B 348 32.16 -15.05 9.23
C HIS B 348 31.54 -16.41 8.93
N LYS B 349 32.06 -17.46 9.56
CA LYS B 349 31.54 -18.80 9.29
C LYS B 349 30.14 -19.09 9.82
N ALA B 350 29.67 -18.30 10.79
CA ALA B 350 28.35 -18.55 11.34
C ALA B 350 27.24 -18.13 10.39
N ILE B 351 27.54 -17.18 9.51
CA ILE B 351 26.52 -16.69 8.58
C ILE B 351 26.11 -17.76 7.57
N GLY B 352 24.81 -17.87 7.36
CA GLY B 352 24.31 -18.85 6.42
C GLY B 352 23.32 -18.24 5.45
N GLY B 353 22.97 -16.98 5.65
CA GLY B 353 22.00 -16.35 4.78
C GLY B 353 22.06 -14.84 4.85
N PHE B 354 21.62 -14.19 3.79
CA PHE B 354 21.68 -12.75 3.71
C PHE B 354 20.39 -12.16 3.12
N VAL B 355 19.75 -11.27 3.88
CA VAL B 355 18.55 -10.58 3.39
C VAL B 355 19.17 -9.26 2.97
N SER B 356 19.31 -9.09 1.66
CA SER B 356 19.95 -7.92 1.12
C SER B 356 19.04 -7.07 0.26
N HIS B 357 19.39 -5.78 0.11
CA HIS B 357 18.60 -4.89 -0.72
C HIS B 357 19.04 -5.05 -2.15
N CYS B 358 20.04 -5.89 -2.34
CA CYS B 358 20.54 -6.20 -3.68
C CYS B 358 21.38 -5.17 -4.41
N GLY B 359 22.10 -4.33 -3.67
CA GLY B 359 22.99 -3.36 -4.28
C GLY B 359 24.05 -4.25 -4.94
N TRP B 360 24.67 -3.79 -6.00
CA TRP B 360 25.65 -4.65 -6.65
C TRP B 360 26.76 -5.16 -5.75
N ASN B 361 27.41 -4.28 -5.01
CA ASN B 361 28.51 -4.71 -4.14
C ASN B 361 28.09 -5.77 -3.15
N SER B 362 26.97 -5.54 -2.49
CA SER B 362 26.48 -6.49 -1.52
C SER B 362 26.29 -7.85 -2.19
N ILE B 363 25.80 -7.85 -3.41
CA ILE B 363 25.62 -9.10 -4.13
C ILE B 363 26.98 -9.71 -4.44
N LEU B 364 27.95 -8.92 -4.89
CA LEU B 364 29.27 -9.49 -5.20
C LEU B 364 29.96 -10.01 -3.96
N GLU B 365 29.90 -9.26 -2.86
CA GLU B 365 30.54 -9.70 -1.63
C GLU B 365 29.90 -11.00 -1.14
N SER B 366 28.58 -11.09 -1.26
CA SER B 366 27.86 -12.28 -0.85
C SER B 366 28.27 -13.49 -1.68
N MET B 367 28.42 -13.27 -2.99
CA MET B 367 28.84 -14.33 -3.90
C MET B 367 30.27 -14.74 -3.60
N TRP B 368 31.10 -13.77 -3.21
CA TRP B 368 32.49 -14.05 -2.91
C TRP B 368 32.60 -15.02 -1.75
N PHE B 369 31.70 -14.89 -0.79
CA PHE B 369 31.73 -15.75 0.38
C PHE B 369 30.75 -16.91 0.38
N GLY B 370 30.04 -17.07 -0.72
CA GLY B 370 29.11 -18.17 -0.83
C GLY B 370 28.00 -18.17 0.19
N VAL B 371 27.34 -17.03 0.32
CA VAL B 371 26.24 -16.84 1.23
C VAL B 371 24.98 -16.63 0.38
N PRO B 372 23.94 -17.46 0.59
CA PRO B 372 22.68 -17.37 -0.17
C PRO B 372 21.99 -16.07 0.19
N ILE B 373 21.23 -15.52 -0.76
CA ILE B 373 20.52 -14.25 -0.55
C ILE B 373 18.99 -14.33 -0.67
N LEU B 374 18.28 -13.69 0.25
CA LEU B 374 16.83 -13.63 0.20
C LEU B 374 16.68 -12.18 -0.26
N THR B 375 16.14 -11.97 -1.47
CA THR B 375 16.05 -10.61 -2.01
C THR B 375 14.98 -9.67 -1.49
N TRP B 376 15.39 -8.43 -1.22
CA TRP B 376 14.48 -7.41 -0.76
C TRP B 376 14.99 -6.12 -1.37
N PRO B 377 14.84 -5.99 -2.69
CA PRO B 377 15.32 -4.78 -3.36
C PRO B 377 14.53 -3.57 -2.88
N ILE B 378 15.05 -2.37 -3.09
CA ILE B 378 14.34 -1.17 -2.66
C ILE B 378 14.36 -0.06 -3.69
N TYR B 379 15.53 0.56 -3.85
CA TYR B 379 15.70 1.66 -4.78
C TYR B 379 16.67 1.41 -5.94
N ALA B 380 16.31 1.93 -7.12
CA ALA B 380 17.12 1.82 -8.33
C ALA B 380 17.06 0.49 -9.09
N GLU B 381 18.23 0.04 -9.52
CA GLU B 381 18.40 -1.20 -10.29
C GLU B 381 18.38 -2.43 -9.39
N GLN B 382 18.15 -2.20 -8.09
CA GLN B 382 18.13 -3.28 -7.14
C GLN B 382 17.13 -4.36 -7.52
N GLN B 383 15.96 -3.92 -7.97
CA GLN B 383 14.92 -4.84 -8.40
C GLN B 383 15.49 -5.71 -9.54
N LEU B 384 16.15 -5.05 -10.48
CA LEU B 384 16.73 -5.77 -11.61
C LEU B 384 17.73 -6.80 -11.12
N ASN B 385 18.61 -6.40 -10.20
CA ASN B 385 19.60 -7.34 -9.67
C ASN B 385 18.86 -8.49 -9.02
N ALA B 386 17.87 -8.16 -8.21
CA ALA B 386 17.06 -9.16 -7.52
C ALA B 386 16.42 -10.09 -8.54
N PHE B 387 15.79 -9.51 -9.54
CA PHE B 387 15.12 -10.28 -10.59
C PHE B 387 16.05 -11.35 -11.17
N ARG B 388 17.17 -10.89 -11.74
CA ARG B 388 18.16 -11.75 -12.37
C ARG B 388 18.83 -12.73 -11.40
N LEU B 389 19.01 -12.31 -10.16
CA LEU B 389 19.64 -13.15 -9.13
C LEU B 389 18.84 -14.43 -8.91
N VAL B 390 17.53 -14.27 -8.75
CA VAL B 390 16.62 -15.38 -8.50
C VAL B 390 16.19 -16.14 -9.75
N LYS B 391 15.89 -15.42 -10.82
CA LYS B 391 15.43 -16.09 -12.03
C LYS B 391 16.42 -16.25 -13.19
N GLU B 392 17.71 -16.14 -12.90
CA GLU B 392 18.71 -16.29 -13.96
C GLU B 392 19.93 -17.04 -13.44
N TRP B 393 20.56 -16.50 -12.39
CA TRP B 393 21.73 -17.15 -11.82
C TRP B 393 21.35 -18.09 -10.69
N GLY B 394 20.06 -18.16 -10.40
CA GLY B 394 19.56 -19.01 -9.34
C GLY B 394 20.43 -19.11 -8.10
N VAL B 395 20.92 -17.97 -7.60
CA VAL B 395 21.76 -17.97 -6.40
C VAL B 395 21.07 -17.29 -5.24
N GLY B 396 19.86 -16.80 -5.49
CA GLY B 396 19.08 -16.13 -4.46
C GLY B 396 17.61 -16.51 -4.45
N LEU B 397 17.00 -16.45 -3.28
CA LEU B 397 15.59 -16.73 -3.15
C LEU B 397 14.88 -15.41 -3.13
N GLY B 398 13.69 -15.36 -3.72
CA GLY B 398 12.95 -14.13 -3.77
C GLY B 398 11.89 -13.95 -2.70
N LEU B 399 11.92 -12.81 -2.03
CA LEU B 399 10.93 -12.50 -1.03
C LEU B 399 10.09 -11.56 -1.88
N ARG B 400 10.81 -10.64 -2.51
CA ARG B 400 10.23 -9.67 -3.41
C ARG B 400 11.29 -9.39 -4.46
N VAL B 401 10.88 -8.89 -5.62
CA VAL B 401 11.80 -8.55 -6.69
C VAL B 401 11.26 -7.30 -7.36
N ASP B 402 10.06 -6.91 -6.95
CA ASP B 402 9.38 -5.73 -7.49
C ASP B 402 9.14 -4.70 -6.39
N TYR B 403 9.64 -4.98 -5.19
CA TYR B 403 9.47 -4.08 -4.06
C TYR B 403 10.21 -2.76 -4.29
N ARG B 404 9.62 -1.65 -3.82
CA ARG B 404 10.22 -0.32 -3.97
C ARG B 404 9.54 0.69 -3.06
N LYS B 405 10.15 1.87 -2.93
CA LYS B 405 9.60 2.93 -2.09
C LYS B 405 8.19 3.26 -2.58
N GLY B 406 7.19 2.70 -1.92
CA GLY B 406 5.81 2.94 -2.29
C GLY B 406 4.95 1.71 -2.04
N SER B 407 5.57 0.53 -2.16
CA SER B 407 4.86 -0.74 -1.97
C SER B 407 4.25 -0.90 -0.58
N ASP B 408 3.34 -1.87 -0.45
CA ASP B 408 2.69 -2.13 0.82
C ASP B 408 3.68 -2.87 1.70
N VAL B 409 3.45 -2.90 3.02
CA VAL B 409 4.37 -3.58 3.92
C VAL B 409 4.36 -5.09 3.70
N VAL B 410 5.53 -5.70 3.83
CA VAL B 410 5.67 -7.14 3.68
C VAL B 410 5.36 -7.78 5.05
N ALA B 411 4.33 -8.62 5.07
CA ALA B 411 3.88 -9.27 6.30
C ALA B 411 4.84 -10.29 6.90
N ALA B 412 4.91 -10.31 8.22
CA ALA B 412 5.76 -11.25 8.94
C ALA B 412 5.63 -12.68 8.41
N GLU B 413 4.41 -13.06 8.01
CA GLU B 413 4.16 -14.39 7.46
C GLU B 413 5.06 -14.67 6.24
N GLU B 414 5.05 -13.77 5.26
CA GLU B 414 5.87 -13.92 4.08
C GLU B 414 7.34 -13.97 4.48
N ILE B 415 7.78 -13.00 5.28
CA ILE B 415 9.18 -12.95 5.72
C ILE B 415 9.61 -14.28 6.34
N GLU B 416 8.84 -14.74 7.32
CA GLU B 416 9.14 -16.01 7.97
C GLU B 416 9.28 -17.16 6.96
N LYS B 417 8.42 -17.17 5.94
CA LYS B 417 8.47 -18.22 4.92
C LYS B 417 9.79 -18.12 4.16
N GLY B 418 10.07 -16.92 3.65
CA GLY B 418 11.31 -16.72 2.93
C GLY B 418 12.51 -17.13 3.77
N LEU B 419 12.47 -16.74 5.04
CA LEU B 419 13.55 -17.07 5.96
C LEU B 419 13.79 -18.57 6.02
N LYS B 420 12.74 -19.33 6.27
CA LYS B 420 12.86 -20.78 6.34
C LYS B 420 13.42 -21.37 5.02
N ASP B 421 12.96 -20.86 3.88
CA ASP B 421 13.43 -21.38 2.60
C ASP B 421 14.91 -21.07 2.42
N LEU B 422 15.32 -19.88 2.83
CA LEU B 422 16.70 -19.48 2.69
C LEU B 422 17.67 -20.28 3.58
N MET B 423 17.22 -20.67 4.76
CA MET B 423 18.10 -21.40 5.67
C MET B 423 18.07 -22.91 5.51
N ASP B 424 17.07 -23.38 4.77
CA ASP B 424 16.89 -24.80 4.47
C ASP B 424 18.13 -25.29 3.71
N LYS B 425 18.94 -26.10 4.36
CA LYS B 425 20.17 -26.64 3.76
C LYS B 425 19.96 -27.39 2.44
N ASP B 426 18.83 -28.06 2.29
CA ASP B 426 18.56 -28.84 1.09
C ASP B 426 17.90 -28.05 -0.04
N SER B 427 17.88 -26.74 0.10
CA SER B 427 17.30 -25.89 -0.93
C SER B 427 18.23 -25.94 -2.13
N ILE B 428 17.77 -25.45 -3.26
CA ILE B 428 18.62 -25.47 -4.45
C ILE B 428 19.64 -24.35 -4.34
N VAL B 429 19.17 -23.16 -3.97
CA VAL B 429 20.02 -21.99 -3.84
C VAL B 429 21.41 -22.25 -3.26
N HIS B 430 21.53 -23.14 -2.28
CA HIS B 430 22.85 -23.38 -1.71
C HIS B 430 23.85 -24.01 -2.67
N LYS B 431 23.34 -24.70 -3.69
CA LYS B 431 24.21 -25.35 -4.66
C LYS B 431 24.91 -24.35 -5.57
N LYS B 432 24.13 -23.66 -6.40
CA LYS B 432 24.66 -22.69 -7.33
C LYS B 432 25.58 -21.67 -6.65
N VAL B 433 25.28 -21.34 -5.39
CA VAL B 433 26.06 -20.38 -4.61
C VAL B 433 27.54 -20.75 -4.50
N GLN B 434 27.83 -21.96 -4.05
CA GLN B 434 29.20 -22.44 -3.91
C GLN B 434 29.90 -22.41 -5.27
N GLU B 435 29.13 -22.61 -6.33
CA GLU B 435 29.70 -22.59 -7.69
C GLU B 435 30.00 -21.14 -8.12
N MET B 436 29.16 -20.22 -7.66
CA MET B 436 29.31 -18.81 -7.97
C MET B 436 30.50 -18.27 -7.18
N LYS B 437 30.80 -18.96 -6.08
CA LYS B 437 31.91 -18.56 -5.24
C LYS B 437 33.19 -18.97 -5.96
N GLU B 438 33.24 -20.21 -6.42
CA GLU B 438 34.39 -20.72 -7.15
C GLU B 438 34.68 -19.76 -8.31
N MET B 439 33.67 -19.60 -9.15
CA MET B 439 33.80 -18.75 -10.32
C MET B 439 34.24 -17.33 -10.04
N SER B 440 33.60 -16.69 -9.08
CA SER B 440 33.92 -15.32 -8.75
C SER B 440 35.34 -15.20 -8.27
N ARG B 441 35.83 -16.23 -7.59
CA ARG B 441 37.19 -16.20 -7.07
C ARG B 441 38.26 -16.57 -8.10
N ASN B 442 37.93 -17.50 -8.99
CA ASN B 442 38.87 -17.89 -10.03
C ASN B 442 38.93 -16.76 -11.07
N ALA B 443 38.02 -15.82 -10.98
CA ALA B 443 38.01 -14.72 -11.94
C ALA B 443 39.17 -13.75 -11.78
N VAL B 444 39.65 -13.55 -10.56
CA VAL B 444 40.72 -12.58 -10.35
C VAL B 444 42.09 -13.12 -9.96
N VAL B 445 42.34 -14.39 -10.28
CA VAL B 445 43.64 -14.99 -10.02
C VAL B 445 44.35 -14.94 -11.36
N ASP B 446 45.66 -15.16 -11.37
CA ASP B 446 46.38 -15.12 -12.64
C ASP B 446 45.80 -16.24 -13.51
N GLY B 447 45.49 -15.90 -14.75
CA GLY B 447 44.92 -16.87 -15.66
C GLY B 447 43.42 -16.72 -15.66
N GLY B 448 42.91 -16.07 -14.62
CA GLY B 448 41.49 -15.82 -14.49
C GLY B 448 41.03 -14.82 -15.54
N SER B 449 39.75 -14.89 -15.89
CA SER B 449 39.16 -14.03 -16.90
C SER B 449 39.30 -12.52 -16.68
N SER B 450 39.26 -12.07 -15.44
CA SER B 450 39.36 -10.64 -15.20
C SER B 450 40.78 -10.10 -15.29
N LEU B 451 41.75 -10.90 -14.86
CA LEU B 451 43.12 -10.45 -14.95
C LEU B 451 43.50 -10.34 -16.43
N ILE B 452 42.95 -11.21 -17.27
CA ILE B 452 43.22 -11.17 -18.70
C ILE B 452 42.62 -9.85 -19.24
N SER B 453 41.46 -9.49 -18.73
CA SER B 453 40.82 -8.28 -19.15
C SER B 453 41.64 -7.06 -18.72
N VAL B 454 42.16 -7.10 -17.51
CA VAL B 454 42.95 -5.99 -17.01
C VAL B 454 44.09 -5.69 -17.97
N GLY B 455 44.80 -6.74 -18.38
CA GLY B 455 45.91 -6.57 -19.28
C GLY B 455 45.52 -5.92 -20.59
N LYS B 456 44.43 -6.39 -21.18
CA LYS B 456 43.95 -5.85 -22.44
C LYS B 456 43.53 -4.41 -22.23
N LEU B 457 42.88 -4.14 -21.11
CA LEU B 457 42.45 -2.78 -20.83
C LEU B 457 43.64 -1.86 -20.67
N ILE B 458 44.64 -2.30 -19.91
CA ILE B 458 45.81 -1.48 -19.71
C ILE B 458 46.57 -1.32 -21.00
N ASP B 459 46.54 -2.36 -21.84
CA ASP B 459 47.22 -2.32 -23.14
C ASP B 459 46.56 -1.33 -24.06
N ASP B 460 45.23 -1.31 -24.07
CA ASP B 460 44.46 -0.41 -24.91
C ASP B 460 44.59 1.01 -24.39
N ILE B 461 44.67 1.15 -23.07
CA ILE B 461 44.80 2.46 -22.43
C ILE B 461 46.14 3.13 -22.72
N THR B 462 47.22 2.35 -22.71
CA THR B 462 48.56 2.89 -22.91
C THR B 462 49.21 2.63 -24.27
N GLY B 463 48.50 1.96 -25.17
CA GLY B 463 49.08 1.69 -26.48
C GLY B 463 49.15 2.94 -27.35
#